data_5WLZ
#
_entry.id   5WLZ
#
_cell.length_a   85.290
_cell.length_b   102.940
_cell.length_c   136.457
_cell.angle_alpha   90.00
_cell.angle_beta   90.00
_cell.angle_gamma   90.00
#
_symmetry.space_group_name_H-M   'P 21 21 21'
#
_entity_poly.entity_id   1
_entity_poly.type   'polypeptide(L)'
_entity_poly.pdbx_seq_one_letter_code
;GSGERKISRIHLVSEPSITHFLQVSWEKTLKSGFVITLTDGHSAWTGTVSESKISQEAATMAMNKGKYVGELRKALLSGA
GPADVYTFNFSKESRYFFFKKNLKDVSFRLGSFNLEKVENPAEVIRELIDYALDRNNLLQAELEELRAVVEQTERSRKLA
EQELIETSERVQLLHSQNTSLINQKKKMDADLSQLQTEVEEAVQECRNAEEKAKKA
;
_entity_poly.pdbx_strand_id   C,D,A,B
#
# COMPACT_ATOMS: atom_id res chain seq x y z
N GLY A 1 5.52 -9.96 16.95
CA GLY A 1 4.33 -9.34 16.40
C GLY A 1 3.36 -10.33 15.81
N SER A 2 2.96 -11.32 16.63
CA SER A 2 2.03 -12.39 16.23
C SER A 2 2.66 -13.11 15.03
N GLY A 3 1.93 -13.30 13.94
CA GLY A 3 2.49 -13.91 12.75
C GLY A 3 1.80 -13.35 11.52
N GLU A 4 2.38 -13.67 10.36
CA GLU A 4 1.81 -13.25 9.08
C GLU A 4 0.93 -14.35 8.53
N ARG A 5 -0.27 -13.98 8.08
CA ARG A 5 -1.23 -14.98 7.60
C ARG A 5 -2.18 -14.33 6.60
N LYS A 6 -2.56 -15.09 5.58
CA LYS A 6 -3.54 -14.67 4.59
C LYS A 6 -4.43 -15.85 4.24
N ILE A 7 -5.74 -15.60 4.19
CA ILE A 7 -6.73 -16.64 3.92
C ILE A 7 -7.47 -16.26 2.65
N SER A 8 -7.27 -17.02 1.59
CA SER A 8 -7.89 -16.75 0.29
C SER A 8 -8.73 -17.95 -0.14
N ARG A 9 -9.86 -17.66 -0.77
CA ARG A 9 -10.72 -18.71 -1.31
C ARG A 9 -10.25 -19.07 -2.72
N ILE A 10 -10.12 -20.37 -2.97
CA ILE A 10 -9.68 -20.87 -4.27
C ILE A 10 -10.68 -21.91 -4.76
N HIS A 11 -10.69 -22.10 -6.09
CA HIS A 11 -11.56 -23.08 -6.74
C HIS A 11 -10.69 -24.12 -7.41
N LEU A 12 -10.67 -25.32 -6.85
CA LEU A 12 -9.93 -26.43 -7.44
C LEU A 12 -10.65 -26.93 -8.70
N VAL A 13 -9.93 -27.74 -9.47
CA VAL A 13 -10.53 -28.37 -10.66
C VAL A 13 -11.05 -29.77 -10.37
N SER A 14 -10.61 -30.41 -9.28
CA SER A 14 -11.18 -31.70 -8.90
C SER A 14 -12.57 -31.54 -8.32
N GLU A 15 -12.86 -30.40 -7.68
CA GLU A 15 -14.18 -30.07 -7.19
C GLU A 15 -14.45 -28.60 -7.48
N PRO A 16 -14.85 -28.28 -8.73
CA PRO A 16 -15.04 -26.87 -9.11
C PRO A 16 -16.30 -26.25 -8.51
N SER A 17 -17.23 -27.06 -8.01
CA SER A 17 -18.47 -26.51 -7.48
C SER A 17 -18.26 -25.83 -6.13
N ILE A 18 -17.73 -26.58 -5.15
CA ILE A 18 -17.52 -26.01 -3.82
C ILE A 18 -16.31 -25.08 -3.84
N THR A 19 -16.25 -24.22 -2.82
CA THR A 19 -15.21 -23.20 -2.71
C THR A 19 -14.24 -23.59 -1.60
N HIS A 20 -13.10 -24.16 -1.99
CA HIS A 20 -12.07 -24.44 -1.01
C HIS A 20 -11.44 -23.14 -0.51
N PHE A 21 -10.88 -23.20 0.69
CA PHE A 21 -10.22 -22.06 1.31
C PHE A 21 -8.75 -22.38 1.53
N LEU A 22 -7.88 -21.45 1.17
CA LEU A 22 -6.44 -21.63 1.26
C LEU A 22 -5.88 -20.69 2.32
N GLN A 23 -5.17 -21.26 3.29
CA GLN A 23 -4.57 -20.49 4.38
C GLN A 23 -3.05 -20.66 4.32
N VAL A 24 -2.34 -19.56 4.13
CA VAL A 24 -0.88 -19.55 4.08
C VAL A 24 -0.37 -18.68 5.21
N SER A 25 0.50 -19.25 6.03
CA SER A 25 1.11 -18.55 7.16
C SER A 25 2.62 -18.62 7.06
N TRP A 26 3.28 -17.47 7.26
CA TRP A 26 4.73 -17.38 7.21
C TRP A 26 5.20 -16.43 8.32
N GLU A 27 6.51 -16.29 8.45
CA GLU A 27 7.12 -15.41 9.45
C GLU A 27 7.92 -14.34 8.73
N LYS A 28 7.31 -13.15 8.59
CA LYS A 28 7.93 -11.97 7.99
C LYS A 28 8.25 -12.16 6.52
N THR A 29 9.20 -13.04 6.19
CA THR A 29 9.63 -13.26 4.82
C THR A 29 9.09 -14.59 4.30
N LEU A 30 8.61 -14.58 3.05
CA LEU A 30 8.03 -15.80 2.49
C LEU A 30 9.09 -16.81 2.11
N LYS A 31 10.26 -16.35 1.64
CA LYS A 31 11.31 -17.27 1.23
C LYS A 31 11.86 -18.05 2.42
N SER A 32 11.65 -17.58 3.65
CA SER A 32 12.09 -18.30 4.83
C SER A 32 11.27 -19.55 5.11
N GLY A 33 10.14 -19.72 4.44
CA GLY A 33 9.29 -20.88 4.65
C GLY A 33 7.87 -20.49 5.02
N PHE A 34 6.89 -21.32 4.65
CA PHE A 34 5.50 -21.03 4.97
C PHE A 34 4.76 -22.34 5.19
N VAL A 35 3.52 -22.22 5.66
CA VAL A 35 2.67 -23.36 5.97
C VAL A 35 1.36 -23.20 5.21
N ILE A 36 1.05 -24.16 4.33
CA ILE A 36 -0.17 -24.14 3.54
C ILE A 36 -1.22 -24.98 4.22
N THR A 37 -2.45 -24.45 4.28
CA THR A 37 -3.58 -25.16 4.87
C THR A 37 -4.74 -25.09 3.89
N LEU A 38 -5.27 -26.25 3.52
CA LEU A 38 -6.42 -26.34 2.64
C LEU A 38 -7.60 -26.92 3.40
N THR A 39 -8.80 -26.40 3.11
CA THR A 39 -9.99 -26.88 3.79
C THR A 39 -11.21 -26.66 2.90
N ASP A 40 -12.25 -27.45 3.15
CA ASP A 40 -13.50 -27.33 2.43
C ASP A 40 -14.70 -27.17 3.36
N GLY A 41 -14.49 -27.14 4.67
CA GLY A 41 -15.58 -27.09 5.64
C GLY A 41 -15.75 -28.36 6.43
N HIS A 42 -15.04 -29.42 6.08
CA HIS A 42 -15.12 -30.68 6.80
C HIS A 42 -13.73 -31.18 7.14
N SER A 43 -12.98 -31.62 6.13
CA SER A 43 -11.61 -32.07 6.33
C SER A 43 -10.63 -30.92 6.09
N ALA A 44 -9.36 -31.17 6.38
CA ALA A 44 -8.34 -30.16 6.26
C ALA A 44 -7.00 -30.81 5.95
N TRP A 45 -6.15 -30.08 5.22
CA TRP A 45 -4.83 -30.55 4.85
C TRP A 45 -3.80 -29.48 5.21
N THR A 46 -2.68 -29.90 5.77
CA THR A 46 -1.64 -28.99 6.21
C THR A 46 -0.31 -29.41 5.60
N GLY A 47 0.44 -28.43 5.09
CA GLY A 47 1.76 -28.70 4.55
C GLY A 47 2.76 -27.70 5.09
N THR A 48 4.04 -28.06 4.94
CA THR A 48 5.15 -27.25 5.43
C THR A 48 6.21 -27.15 4.34
N VAL A 49 6.42 -25.95 3.83
CA VAL A 49 7.40 -25.69 2.78
C VAL A 49 8.54 -24.91 3.41
N SER A 50 9.70 -25.55 3.55
CA SER A 50 10.85 -24.92 4.19
C SER A 50 11.55 -24.00 3.20
N GLU A 51 12.59 -23.30 3.70
CA GLU A 51 13.38 -22.43 2.84
C GLU A 51 14.10 -23.21 1.76
N SER A 52 14.42 -24.49 2.02
CA SER A 52 15.12 -25.30 1.04
C SER A 52 14.21 -25.71 -0.11
N LYS A 53 12.94 -26.04 0.19
CA LYS A 53 12.01 -26.41 -0.88
C LYS A 53 11.78 -25.25 -1.84
N ILE A 54 11.80 -24.02 -1.33
CA ILE A 54 11.61 -22.86 -2.20
C ILE A 54 12.77 -22.70 -3.15
N SER A 55 14.00 -22.90 -2.65
CA SER A 55 15.16 -22.82 -3.53
C SER A 55 15.21 -23.97 -4.52
N GLN A 56 14.72 -25.15 -4.14
CA GLN A 56 14.71 -26.28 -5.05
C GLN A 56 13.72 -26.06 -6.19
N GLU A 57 12.50 -25.63 -5.87
CA GLU A 57 11.52 -25.35 -6.91
C GLU A 57 11.94 -24.17 -7.77
N ALA A 58 12.73 -23.24 -7.21
CA ALA A 58 13.21 -22.11 -7.98
C ALA A 58 14.34 -22.52 -8.93
N ALA A 59 15.13 -23.52 -8.55
CA ALA A 59 16.17 -24.04 -9.42
C ALA A 59 15.60 -24.89 -10.55
N THR A 60 14.47 -25.56 -10.31
CA THR A 60 13.82 -26.33 -11.37
C THR A 60 13.19 -25.41 -12.41
N MET A 61 12.56 -24.32 -11.97
CA MET A 61 11.95 -23.37 -12.89
C MET A 61 12.99 -22.51 -13.59
N ALA A 62 14.25 -22.55 -13.16
CA ALA A 62 15.33 -21.71 -13.70
C ALA A 62 15.06 -20.22 -13.53
N MET A 63 14.21 -19.86 -12.57
CA MET A 63 13.92 -18.46 -12.28
C MET A 63 14.83 -17.94 -11.17
N ASN A 64 14.95 -16.61 -11.13
CA ASN A 64 15.54 -15.97 -9.95
C ASN A 64 14.65 -16.23 -8.74
N LYS A 65 15.27 -16.63 -7.62
CA LYS A 65 14.49 -17.02 -6.45
C LYS A 65 13.60 -15.89 -5.97
N GLY A 66 14.07 -14.65 -6.06
CA GLY A 66 13.24 -13.51 -5.72
C GLY A 66 12.02 -13.40 -6.60
N LYS A 67 12.16 -13.75 -7.88
CA LYS A 67 11.00 -13.76 -8.77
C LYS A 67 10.08 -14.92 -8.45
N TYR A 68 10.64 -16.10 -8.17
CA TYR A 68 9.80 -17.26 -7.83
C TYR A 68 9.02 -17.01 -6.54
N VAL A 69 9.68 -16.46 -5.52
CA VAL A 69 8.96 -16.11 -4.29
C VAL A 69 7.92 -15.03 -4.59
N GLY A 70 8.26 -14.09 -5.47
CA GLY A 70 7.28 -13.12 -5.92
C GLY A 70 6.16 -13.74 -6.73
N GLU A 71 6.48 -14.78 -7.51
CA GLU A 71 5.43 -15.49 -8.24
C GLU A 71 4.58 -16.34 -7.30
N LEU A 72 5.15 -16.78 -6.18
CA LEU A 72 4.36 -17.47 -5.16
C LEU A 72 3.46 -16.51 -4.42
N ARG A 73 3.90 -15.26 -4.23
CA ARG A 73 3.07 -14.26 -3.55
C ARG A 73 1.81 -13.95 -4.35
N LYS A 74 1.91 -13.92 -5.67
CA LYS A 74 0.75 -13.59 -6.49
C LYS A 74 -0.28 -14.72 -6.47
N ALA A 75 0.18 -15.96 -6.62
CA ALA A 75 -0.74 -17.08 -6.72
C ALA A 75 -1.33 -17.44 -5.35
N LEU A 76 -0.45 -17.65 -4.36
CA LEU A 76 -0.90 -18.16 -3.08
C LEU A 76 -1.61 -17.09 -2.25
N LEU A 77 -0.99 -15.92 -2.09
CA LEU A 77 -1.55 -14.84 -1.31
C LEU A 77 -2.49 -14.02 -2.19
N SER A 78 -3.74 -13.88 -1.75
CA SER A 78 -4.79 -13.17 -2.49
C SER A 78 -4.94 -13.76 -3.91
N GLY A 79 -5.38 -15.01 -3.94
CA GLY A 79 -5.54 -15.73 -5.18
C GLY A 79 -6.97 -15.94 -5.60
N ALA A 80 -7.41 -15.23 -6.64
CA ALA A 80 -8.76 -15.38 -7.18
C ALA A 80 -8.83 -14.86 -8.60
N GLY A 81 -7.81 -15.19 -9.41
CA GLY A 81 -7.76 -14.77 -10.79
C GLY A 81 -7.49 -15.92 -11.73
N PRO A 82 -7.91 -15.80 -12.99
CA PRO A 82 -7.69 -16.87 -13.97
C PRO A 82 -6.24 -17.06 -14.37
N ALA A 83 -5.32 -16.24 -13.86
CA ALA A 83 -3.91 -16.38 -14.24
C ALA A 83 -3.31 -17.67 -13.67
N ASP A 84 -3.61 -17.99 -12.42
CA ASP A 84 -3.07 -19.17 -11.77
C ASP A 84 -4.19 -20.20 -11.57
N VAL A 85 -3.95 -21.43 -12.00
CA VAL A 85 -4.91 -22.52 -11.91
C VAL A 85 -4.44 -23.50 -10.85
N TYR A 86 -5.29 -23.78 -9.87
CA TYR A 86 -4.94 -24.62 -8.74
C TYR A 86 -5.57 -26.01 -8.88
N THR A 87 -4.89 -27.01 -8.34
CA THR A 87 -5.33 -28.40 -8.42
C THR A 87 -4.86 -29.15 -7.18
N PHE A 88 -5.62 -30.18 -6.81
CA PHE A 88 -5.30 -30.98 -5.63
C PHE A 88 -5.96 -32.34 -5.75
N ASN A 89 -5.26 -33.37 -5.27
CA ASN A 89 -5.75 -34.75 -5.33
C ASN A 89 -6.44 -35.10 -4.01
N PHE A 90 -7.74 -35.34 -4.08
CA PHE A 90 -8.49 -35.72 -2.88
C PHE A 90 -8.19 -37.16 -2.48
N SER A 91 -8.40 -38.10 -3.40
CA SER A 91 -8.21 -39.52 -3.09
C SER A 91 -6.75 -39.83 -2.77
N LYS A 92 -5.81 -39.20 -3.49
CA LYS A 92 -4.39 -39.39 -3.22
C LYS A 92 -3.90 -38.51 -2.08
N GLU A 93 -4.76 -37.64 -1.53
CA GLU A 93 -4.49 -36.75 -0.39
C GLU A 93 -3.09 -36.14 -0.41
N SER A 94 -2.53 -35.94 -1.61
CA SER A 94 -1.17 -35.46 -1.73
C SER A 94 -1.06 -34.61 -2.98
N ARG A 95 0.11 -33.98 -3.14
CA ARG A 95 0.46 -33.22 -4.33
C ARG A 95 -0.56 -32.12 -4.62
N TYR A 96 -0.47 -31.02 -3.88
CA TYR A 96 -1.21 -29.81 -4.21
C TYR A 96 -0.34 -28.96 -5.12
N PHE A 97 -0.70 -28.88 -6.40
CA PHE A 97 0.07 -28.14 -7.38
C PHE A 97 -0.81 -27.11 -8.07
N PHE A 98 -0.17 -26.07 -8.60
CA PHE A 98 -0.87 -24.99 -9.27
C PHE A 98 -0.08 -24.49 -10.46
N PHE A 99 -0.78 -24.25 -11.57
CA PHE A 99 -0.18 -23.79 -12.81
C PHE A 99 -0.26 -22.27 -12.91
N LYS A 100 0.22 -21.74 -14.03
CA LYS A 100 0.08 -20.32 -14.37
C LYS A 100 -0.30 -20.24 -15.84
N LYS A 101 -1.58 -20.05 -16.12
CA LYS A 101 -2.09 -20.03 -17.49
C LYS A 101 -2.21 -18.58 -17.95
N ASN A 102 -1.49 -18.23 -19.00
CA ASN A 102 -1.61 -16.93 -19.66
C ASN A 102 -2.09 -17.16 -21.10
N LEU A 103 -2.07 -16.09 -21.88
CA LEU A 103 -2.57 -16.17 -23.25
C LEU A 103 -1.66 -17.05 -24.10
N LYS A 104 -2.13 -17.35 -25.32
CA LYS A 104 -1.47 -18.26 -26.27
C LYS A 104 -1.31 -19.67 -25.69
N ASP A 105 -2.12 -20.02 -24.69
CA ASP A 105 -2.16 -21.37 -24.13
C ASP A 105 -0.78 -21.82 -23.65
N VAL A 106 -0.17 -21.00 -22.80
CA VAL A 106 1.08 -21.35 -22.13
C VAL A 106 0.77 -21.72 -20.69
N SER A 107 1.36 -22.83 -20.22
CA SER A 107 1.09 -23.32 -18.88
C SER A 107 2.31 -24.09 -18.39
N PHE A 108 2.75 -23.77 -17.17
CA PHE A 108 3.86 -24.46 -16.53
C PHE A 108 3.54 -24.64 -15.06
N ARG A 109 4.04 -25.74 -14.49
CA ARG A 109 3.80 -26.04 -13.08
C ARG A 109 4.61 -25.07 -12.22
N LEU A 110 3.93 -24.10 -11.63
CA LEU A 110 4.60 -23.10 -10.82
C LEU A 110 5.00 -23.66 -9.46
N GLY A 111 4.10 -24.41 -8.83
CA GLY A 111 4.39 -24.98 -7.53
C GLY A 111 3.85 -26.39 -7.42
N SER A 112 4.42 -27.14 -6.48
CA SER A 112 4.02 -28.52 -6.21
C SER A 112 4.40 -28.84 -4.77
N PHE A 113 3.40 -28.97 -3.89
CA PHE A 113 3.64 -29.23 -2.48
C PHE A 113 2.72 -30.37 -2.03
N ASN A 114 3.24 -31.25 -1.19
CA ASN A 114 2.50 -32.38 -0.67
C ASN A 114 2.08 -32.10 0.76
N LEU A 115 0.79 -31.84 0.95
CA LEU A 115 0.20 -31.62 2.27
C LEU A 115 -0.68 -32.79 2.64
N GLU A 116 -0.70 -33.15 3.93
CA GLU A 116 -1.38 -34.33 4.40
C GLU A 116 -2.59 -33.95 5.26
N LYS A 117 -3.52 -34.90 5.40
CA LYS A 117 -4.73 -34.65 6.15
C LYS A 117 -4.43 -34.40 7.62
N VAL A 118 -5.34 -33.69 8.28
CA VAL A 118 -5.23 -33.37 9.69
C VAL A 118 -6.15 -34.32 10.45
N GLU A 119 -5.64 -34.90 11.54
CA GLU A 119 -6.46 -35.81 12.34
C GLU A 119 -7.66 -35.09 12.93
N ASN A 120 -7.48 -33.85 13.37
CA ASN A 120 -8.55 -33.04 13.95
C ASN A 120 -8.75 -31.81 13.07
N PRO A 121 -9.60 -31.90 12.05
CA PRO A 121 -9.86 -30.73 11.18
C PRO A 121 -10.80 -29.71 11.78
N ALA A 122 -11.64 -30.11 12.74
CA ALA A 122 -12.57 -29.16 13.35
C ALA A 122 -11.82 -28.08 14.12
N GLU A 123 -10.76 -28.46 14.84
CA GLU A 123 -9.97 -27.46 15.55
C GLU A 123 -9.23 -26.54 14.59
N VAL A 124 -8.84 -27.05 13.42
CA VAL A 124 -8.18 -26.22 12.42
C VAL A 124 -9.14 -25.18 11.86
N ILE A 125 -10.39 -25.58 11.64
CA ILE A 125 -11.38 -24.66 11.08
C ILE A 125 -11.75 -23.58 12.11
N ARG A 126 -11.95 -23.98 13.37
CA ARG A 126 -12.28 -22.99 14.39
C ARG A 126 -11.15 -21.98 14.56
N GLU A 127 -9.90 -22.44 14.49
CA GLU A 127 -8.78 -21.53 14.58
C GLU A 127 -8.72 -20.61 13.37
N LEU A 128 -9.14 -21.09 12.20
CA LEU A 128 -9.21 -20.23 11.02
C LEU A 128 -10.32 -19.20 11.16
N ILE A 129 -11.50 -19.62 11.64
CA ILE A 129 -12.60 -18.68 11.84
C ILE A 129 -12.24 -17.68 12.93
N ASP A 130 -11.55 -18.14 13.99
CA ASP A 130 -11.18 -17.24 15.07
C ASP A 130 -10.25 -16.14 14.59
N TYR A 131 -9.33 -16.47 13.69
CA TYR A 131 -8.43 -15.45 13.14
C TYR A 131 -9.19 -14.47 12.25
N ALA A 132 -10.09 -14.97 11.42
CA ALA A 132 -10.83 -14.08 10.52
C ALA A 132 -11.70 -13.10 11.29
N LEU A 133 -12.25 -13.54 12.43
CA LEU A 133 -13.05 -12.63 13.25
C LEU A 133 -12.17 -11.66 14.05
N ASP A 134 -10.91 -12.04 14.31
CA ASP A 134 -10.03 -11.14 15.04
C ASP A 134 -9.53 -10.00 14.15
N ARG A 135 -9.24 -10.29 12.88
CA ARG A 135 -8.89 -9.22 11.95
C ARG A 135 -10.09 -8.33 11.65
N ASN A 136 -11.30 -8.91 11.63
CA ASN A 136 -12.50 -8.10 11.46
C ASN A 136 -12.64 -7.08 12.58
N ASN A 137 -12.24 -7.45 13.79
CA ASN A 137 -12.25 -6.49 14.89
C ASN A 137 -11.03 -5.57 14.82
N LEU A 138 -9.88 -6.09 14.40
CA LEU A 138 -8.68 -5.26 14.30
C LEU A 138 -8.82 -4.21 13.21
N LEU A 139 -9.44 -4.56 12.09
CA LEU A 139 -9.65 -3.60 11.03
C LEU A 139 -10.68 -2.56 11.43
N GLN A 140 -11.79 -2.98 12.04
CA GLN A 140 -12.82 -2.03 12.45
C GLN A 140 -12.33 -1.11 13.54
N ALA A 141 -11.37 -1.56 14.35
CA ALA A 141 -10.76 -0.69 15.35
C ALA A 141 -9.80 0.31 14.70
N GLU A 142 -9.09 -0.13 13.67
CA GLU A 142 -8.23 0.80 12.93
C GLU A 142 -9.06 1.87 12.23
N LEU A 143 -10.29 1.55 11.85
CA LEU A 143 -11.15 2.53 11.19
C LEU A 143 -11.62 3.60 12.17
N GLU A 144 -12.13 3.19 13.33
CA GLU A 144 -12.62 4.15 14.31
C GLU A 144 -11.50 5.10 14.74
N GLU A 145 -10.28 4.58 14.90
CA GLU A 145 -9.14 5.44 15.19
C GLU A 145 -8.84 6.37 14.01
N LEU A 146 -8.87 5.83 12.79
CA LEU A 146 -8.62 6.66 11.61
C LEU A 146 -9.70 7.70 11.42
N ARG A 147 -10.95 7.39 11.78
CA ARG A 147 -12.01 8.38 11.69
C ARG A 147 -11.76 9.53 12.66
N ALA A 148 -11.18 9.25 13.82
CA ALA A 148 -10.87 10.31 14.78
C ALA A 148 -9.73 11.19 14.28
N VAL A 149 -8.77 10.61 13.58
CA VAL A 149 -7.66 11.40 13.05
C VAL A 149 -8.15 12.34 11.95
N VAL A 150 -9.15 11.91 11.17
CA VAL A 150 -9.62 12.75 10.07
C VAL A 150 -10.27 14.02 10.60
N GLU A 151 -11.18 13.88 11.58
CA GLU A 151 -11.88 15.05 12.08
C GLU A 151 -11.00 15.90 12.98
N GLN A 152 -10.06 15.28 13.71
CA GLN A 152 -9.11 16.06 14.50
C GLN A 152 -8.21 16.90 13.60
N THR A 153 -7.75 16.32 12.49
CA THR A 153 -6.93 17.07 11.56
C THR A 153 -7.75 18.14 10.83
N GLU A 154 -9.03 17.86 10.56
CA GLU A 154 -9.91 18.89 10.02
C GLU A 154 -10.21 19.96 11.04
N ARG A 155 -10.17 19.62 12.33
CA ARG A 155 -10.36 20.63 13.37
C ARG A 155 -9.17 21.59 13.43
N SER A 156 -7.95 21.05 13.41
CA SER A 156 -6.76 21.89 13.40
C SER A 156 -6.59 22.66 12.10
N ARG A 157 -7.15 22.15 11.00
CA ARG A 157 -7.07 22.87 9.73
C ARG A 157 -7.98 24.09 9.73
N LYS A 158 -9.21 23.93 10.22
CA LYS A 158 -10.12 25.06 10.30
C LYS A 158 -9.65 26.10 11.31
N LEU A 159 -9.02 25.66 12.40
CA LEU A 159 -8.54 26.59 13.41
C LEU A 159 -7.41 27.46 12.87
N ALA A 160 -6.40 26.84 12.25
CA ALA A 160 -5.28 27.61 11.72
C ALA A 160 -5.71 28.48 10.53
N GLU A 161 -6.73 28.06 9.79
CA GLU A 161 -7.16 28.84 8.64
C GLU A 161 -8.00 30.05 9.06
N GLN A 162 -8.78 29.92 10.13
CA GLN A 162 -9.50 31.10 10.64
C GLN A 162 -8.56 32.05 11.35
N GLU A 163 -7.52 31.53 11.99
CA GLU A 163 -6.46 32.40 12.50
C GLU A 163 -5.64 32.99 11.37
N LEU A 164 -5.63 32.35 10.20
CA LEU A 164 -5.00 32.95 9.03
C LEU A 164 -5.83 34.13 8.51
N ILE A 165 -7.15 34.00 8.51
CA ILE A 165 -8.01 35.08 8.03
C ILE A 165 -7.91 36.31 8.94
N GLU A 166 -7.42 36.14 10.17
CA GLU A 166 -7.16 37.27 11.06
C GLU A 166 -5.72 37.77 10.95
N THR A 167 -4.76 36.86 10.86
CA THR A 167 -3.36 37.26 10.74
C THR A 167 -3.09 37.91 9.38
N SER A 168 -3.71 37.39 8.30
CA SER A 168 -3.52 37.98 6.99
C SER A 168 -4.12 39.37 6.90
N GLU A 169 -5.25 39.60 7.59
CA GLU A 169 -5.86 40.94 7.57
C GLU A 169 -4.95 41.97 8.24
N ARG A 170 -4.26 41.57 9.32
CA ARG A 170 -3.33 42.51 9.96
C ARG A 170 -2.10 42.74 9.09
N VAL A 171 -1.66 41.74 8.34
CA VAL A 171 -0.49 41.92 7.49
C VAL A 171 -0.78 42.90 6.37
N GLN A 172 -1.95 42.79 5.74
CA GLN A 172 -2.29 43.68 4.63
C GLN A 172 -2.45 45.12 5.10
N LEU A 173 -3.14 45.33 6.22
CA LEU A 173 -3.31 46.68 6.74
C LEU A 173 -2.00 47.25 7.28
N LEU A 174 -1.10 46.38 7.76
CA LEU A 174 0.22 46.85 8.19
C LEU A 174 1.12 47.13 7.01
N HIS A 175 0.94 46.43 5.90
CA HIS A 175 1.72 46.69 4.70
C HIS A 175 1.24 47.95 3.99
N SER A 176 -0.06 48.25 4.06
CA SER A 176 -0.57 49.47 3.48
C SER A 176 0.01 50.70 4.18
N GLN A 177 0.23 50.60 5.50
CA GLN A 177 0.90 51.70 6.20
C GLN A 177 2.38 51.76 5.87
N ASN A 178 2.99 50.62 5.56
CA ASN A 178 4.41 50.60 5.20
C ASN A 178 4.64 51.35 3.89
N THR A 179 3.85 51.04 2.86
CA THR A 179 3.99 51.75 1.59
C THR A 179 3.60 53.21 1.72
N SER A 180 2.62 53.52 2.59
CA SER A 180 2.25 54.92 2.80
C SER A 180 3.35 55.69 3.50
N LEU A 181 4.14 55.01 4.33
CA LEU A 181 5.21 55.69 5.06
C LEU A 181 6.47 55.82 4.20
N ILE A 182 6.75 54.84 3.35
CA ILE A 182 7.88 54.94 2.44
C ILE A 182 7.68 56.10 1.47
N ASN A 183 6.46 56.27 0.99
CA ASN A 183 6.15 57.37 0.07
C ASN A 183 6.34 58.72 0.74
N GLN A 184 5.95 58.83 2.01
CA GLN A 184 6.19 60.07 2.75
C GLN A 184 7.69 60.31 2.93
N LYS A 185 8.46 59.25 3.14
CA LYS A 185 9.91 59.39 3.23
C LYS A 185 10.51 59.83 1.91
N LYS A 186 10.09 59.20 0.81
CA LYS A 186 10.58 59.59 -0.51
C LYS A 186 10.27 61.05 -0.80
N LYS A 187 9.05 61.48 -0.52
CA LYS A 187 8.70 62.89 -0.72
C LYS A 187 9.43 63.79 0.25
N MET A 188 9.68 63.32 1.47
CA MET A 188 10.41 64.12 2.44
C MET A 188 11.88 64.25 2.04
N ASP A 189 12.42 63.25 1.36
CA ASP A 189 13.77 63.38 0.81
C ASP A 189 13.81 64.44 -0.28
N ALA A 190 12.84 64.40 -1.21
CA ALA A 190 12.80 65.39 -2.28
C ALA A 190 12.60 66.80 -1.74
N ASP A 191 11.78 66.94 -0.69
CA ASP A 191 11.57 68.23 -0.05
C ASP A 191 12.74 68.65 0.82
N LEU A 192 13.78 67.83 0.93
CA LEU A 192 14.96 68.19 1.70
C LEU A 192 16.04 68.84 0.83
N SER A 193 16.01 68.61 -0.48
CA SER A 193 16.96 69.27 -1.36
C SER A 193 16.51 70.68 -1.71
N GLN A 194 15.20 70.86 -1.97
CA GLN A 194 14.66 72.19 -2.24
C GLN A 194 14.96 73.14 -1.09
N LEU A 195 15.08 72.63 0.13
CA LEU A 195 15.50 73.44 1.26
C LEU A 195 17.01 73.50 1.39
N GLN A 196 17.72 72.45 0.96
CA GLN A 196 19.18 72.46 1.05
C GLN A 196 19.79 73.37 -0.01
N THR A 197 19.37 73.22 -1.27
CA THR A 197 19.88 74.07 -2.33
C THR A 197 19.40 75.51 -2.20
N GLU A 198 18.32 75.75 -1.46
CA GLU A 198 17.88 77.13 -1.22
C GLU A 198 18.77 77.82 -0.19
N VAL A 199 19.16 77.09 0.87
CA VAL A 199 20.16 77.63 1.80
C VAL A 199 21.47 77.87 1.07
N GLU A 200 21.86 76.93 0.21
CA GLU A 200 23.11 77.09 -0.55
C GLU A 200 23.02 78.26 -1.51
N GLU A 201 21.83 78.56 -2.03
CA GLU A 201 21.64 79.71 -2.90
C GLU A 201 21.55 81.03 -2.13
N ALA A 202 21.44 80.97 -0.81
CA ALA A 202 21.52 82.17 0.01
C ALA A 202 22.96 82.54 0.35
N VAL A 203 23.81 81.52 0.62
CA VAL A 203 25.23 81.79 0.84
C VAL A 203 25.95 82.05 -0.47
N GLN A 204 25.39 81.61 -1.61
CA GLN A 204 25.89 81.97 -2.93
C GLN A 204 25.27 83.26 -3.45
N GLU A 205 24.67 84.06 -2.57
CA GLU A 205 24.12 85.36 -2.92
C GLU A 205 24.75 86.49 -2.10
N CYS A 206 25.92 86.24 -1.52
CA CYS A 206 26.64 87.22 -0.71
C CYS A 206 25.79 87.76 0.44
N GLY B 3 -29.11 -7.33 4.37
CA GLY B 3 -28.04 -8.29 4.55
C GLY B 3 -27.26 -8.09 5.84
N GLU B 4 -27.99 -7.89 6.93
CA GLU B 4 -27.36 -7.69 8.25
C GLU B 4 -27.01 -9.04 8.86
N ARG B 5 -25.73 -9.24 9.17
CA ARG B 5 -25.24 -10.49 9.72
C ARG B 5 -24.09 -10.20 10.68
N LYS B 6 -24.10 -10.89 11.82
CA LYS B 6 -23.08 -10.71 12.84
C LYS B 6 -22.60 -12.08 13.31
N ILE B 7 -21.28 -12.28 13.31
CA ILE B 7 -20.65 -13.51 13.75
C ILE B 7 -19.81 -13.21 14.98
N SER B 8 -19.99 -14.04 16.02
CA SER B 8 -19.27 -13.83 17.27
C SER B 8 -19.07 -15.17 17.95
N ARG B 9 -17.95 -15.30 18.66
CA ARG B 9 -17.62 -16.55 19.33
C ARG B 9 -18.30 -16.63 20.68
N ILE B 10 -18.75 -17.83 21.04
CA ILE B 10 -19.44 -18.06 22.30
C ILE B 10 -18.78 -19.23 23.01
N HIS B 11 -18.89 -19.24 24.34
CA HIS B 11 -18.31 -20.28 25.18
C HIS B 11 -19.45 -21.06 25.83
N LEU B 12 -19.74 -22.24 25.27
CA LEU B 12 -20.81 -23.07 25.81
C LEU B 12 -20.33 -23.76 27.09
N VAL B 13 -21.16 -23.67 28.15
CA VAL B 13 -20.82 -24.32 29.41
C VAL B 13 -21.04 -25.82 29.38
N SER B 14 -21.74 -26.34 28.36
CA SER B 14 -21.88 -27.78 28.22
C SER B 14 -20.62 -28.42 27.66
N GLU B 15 -19.94 -27.72 26.74
CA GLU B 15 -18.63 -28.14 26.23
C GLU B 15 -17.69 -26.96 26.39
N PRO B 16 -17.18 -26.73 27.60
CA PRO B 16 -16.32 -25.56 27.85
C PRO B 16 -14.91 -25.69 27.32
N SER B 17 -14.52 -26.84 26.78
CA SER B 17 -13.17 -27.02 26.29
C SER B 17 -12.98 -26.42 24.89
N ILE B 18 -14.05 -26.33 24.10
CA ILE B 18 -13.97 -25.80 22.75
C ILE B 18 -14.73 -24.48 22.68
N THR B 19 -14.45 -23.72 21.61
CA THR B 19 -15.02 -22.40 21.39
C THR B 19 -15.96 -22.46 20.20
N HIS B 20 -17.26 -22.34 20.46
CA HIS B 20 -18.27 -22.33 19.42
C HIS B 20 -18.45 -20.92 18.85
N PHE B 21 -19.07 -20.84 17.69
CA PHE B 21 -19.32 -19.59 17.01
C PHE B 21 -20.80 -19.41 16.74
N LEU B 22 -21.28 -18.18 16.88
CA LEU B 22 -22.69 -17.83 16.74
C LEU B 22 -22.85 -16.85 15.59
N GLN B 23 -23.72 -17.18 14.64
CA GLN B 23 -23.99 -16.31 13.49
C GLN B 23 -25.46 -15.92 13.52
N VAL B 24 -25.72 -14.65 13.79
CA VAL B 24 -27.08 -14.11 13.83
C VAL B 24 -27.30 -13.31 12.54
N SER B 25 -28.31 -13.69 11.78
CA SER B 25 -28.67 -13.01 10.54
C SER B 25 -30.07 -12.45 10.70
N TRP B 26 -30.23 -11.15 10.42
CA TRP B 26 -31.52 -10.50 10.57
C TRP B 26 -31.65 -9.41 9.53
N GLU B 27 -32.87 -8.86 9.42
CA GLU B 27 -33.16 -7.80 8.48
C GLU B 27 -32.69 -6.46 9.03
N LYS B 28 -33.39 -5.38 8.66
CA LYS B 28 -32.97 -4.04 9.06
C LYS B 28 -33.07 -3.86 10.58
N THR B 29 -34.08 -4.47 11.19
CA THR B 29 -34.34 -4.32 12.62
C THR B 29 -34.35 -5.70 13.26
N LEU B 30 -33.64 -5.82 14.40
CA LEU B 30 -33.55 -7.11 15.09
C LEU B 30 -34.89 -7.52 15.69
N LYS B 31 -35.74 -6.56 16.06
CA LYS B 31 -37.01 -6.91 16.69
C LYS B 31 -37.98 -7.59 15.74
N SER B 32 -37.71 -7.52 14.43
CA SER B 32 -38.56 -8.16 13.44
C SER B 32 -38.30 -9.66 13.30
N GLY B 33 -37.23 -10.16 13.92
CA GLY B 33 -36.88 -11.56 13.80
C GLY B 33 -35.46 -11.76 13.30
N PHE B 34 -34.88 -12.92 13.57
CA PHE B 34 -33.52 -13.19 13.14
C PHE B 34 -33.30 -14.70 13.00
N VAL B 35 -32.37 -15.06 12.13
CA VAL B 35 -31.93 -16.44 11.97
C VAL B 35 -30.65 -16.63 12.75
N ILE B 36 -30.67 -17.53 13.73
CA ILE B 36 -29.54 -17.75 14.62
C ILE B 36 -28.91 -19.10 14.28
N THR B 37 -27.63 -19.06 13.94
CA THR B 37 -26.88 -20.24 13.53
C THR B 37 -25.76 -20.51 14.52
N LEU B 38 -25.55 -21.78 14.83
CA LEU B 38 -24.50 -22.21 15.75
C LEU B 38 -23.67 -23.30 15.08
N THR B 39 -22.35 -23.24 15.29
CA THR B 39 -21.45 -24.23 14.71
C THR B 39 -20.27 -24.44 15.64
N ASP B 40 -19.66 -25.62 15.51
CA ASP B 40 -18.48 -25.99 16.29
C ASP B 40 -17.31 -26.37 15.42
N GLY B 41 -17.36 -26.08 14.12
CA GLY B 41 -16.30 -26.44 13.20
C GLY B 41 -16.46 -27.78 12.52
N HIS B 42 -17.55 -28.50 12.79
CA HIS B 42 -17.81 -29.79 12.16
C HIS B 42 -19.28 -29.91 11.80
N SER B 43 -20.16 -29.73 12.78
CA SER B 43 -21.60 -29.72 12.56
C SER B 43 -22.16 -28.33 12.82
N ALA B 44 -23.44 -28.16 12.60
CA ALA B 44 -24.08 -26.86 12.79
C ALA B 44 -25.56 -27.06 13.11
N TRP B 45 -26.10 -26.10 13.85
CA TRP B 45 -27.51 -26.08 14.21
C TRP B 45 -28.04 -24.67 13.98
N THR B 46 -29.13 -24.55 13.22
CA THR B 46 -29.68 -23.25 12.88
C THR B 46 -31.19 -23.27 13.07
N GLY B 47 -31.70 -22.21 13.70
CA GLY B 47 -33.12 -22.04 13.89
C GLY B 47 -33.53 -20.61 13.60
N THR B 48 -34.84 -20.37 13.63
CA THR B 48 -35.40 -19.06 13.32
C THR B 48 -36.21 -18.56 14.50
N VAL B 49 -36.00 -17.29 14.85
CA VAL B 49 -36.74 -16.62 15.91
C VAL B 49 -37.67 -15.63 15.25
N SER B 50 -38.96 -15.92 15.27
CA SER B 50 -39.94 -15.04 14.64
C SER B 50 -40.14 -13.79 15.48
N GLU B 51 -40.82 -12.80 14.88
CA GLU B 51 -41.10 -11.57 15.59
C GLU B 51 -42.04 -11.81 16.76
N SER B 52 -43.02 -12.70 16.59
CA SER B 52 -43.95 -13.03 17.67
C SER B 52 -43.26 -13.83 18.77
N LYS B 53 -42.20 -14.58 18.43
CA LYS B 53 -41.42 -15.25 19.47
C LYS B 53 -40.67 -14.26 20.33
N ILE B 54 -40.23 -13.14 19.74
CA ILE B 54 -39.56 -12.11 20.52
C ILE B 54 -40.55 -11.45 21.48
N SER B 55 -41.76 -11.16 21.01
CA SER B 55 -42.76 -10.53 21.86
C SER B 55 -43.25 -11.48 22.95
N GLN B 56 -43.36 -12.78 22.62
CA GLN B 56 -43.80 -13.74 23.62
C GLN B 56 -42.77 -13.90 24.73
N GLU B 57 -41.48 -13.95 24.37
CA GLU B 57 -40.42 -14.02 25.37
C GLU B 57 -40.33 -12.71 26.16
N ALA B 58 -40.57 -11.58 25.52
CA ALA B 58 -40.51 -10.30 26.22
C ALA B 58 -41.62 -10.18 27.24
N ALA B 59 -42.83 -10.62 26.88
CA ALA B 59 -43.96 -10.56 27.78
C ALA B 59 -43.90 -11.64 28.86
N THR B 60 -43.14 -12.72 28.63
CA THR B 60 -43.03 -13.77 29.63
C THR B 60 -42.24 -13.33 30.86
N MET B 61 -41.38 -12.33 30.73
CA MET B 61 -40.60 -11.84 31.85
C MET B 61 -40.96 -10.41 32.25
N ALA B 62 -42.03 -9.86 31.68
CA ALA B 62 -42.60 -8.58 32.08
C ALA B 62 -41.58 -7.45 31.97
N MET B 63 -40.96 -7.34 30.80
CA MET B 63 -40.10 -6.21 30.48
C MET B 63 -40.47 -5.66 29.12
N ASN B 64 -40.15 -4.39 28.91
CA ASN B 64 -40.51 -3.72 27.67
C ASN B 64 -39.86 -4.42 26.47
N LYS B 65 -40.58 -4.44 25.36
CA LYS B 65 -40.09 -5.10 24.15
C LYS B 65 -38.79 -4.47 23.67
N GLY B 66 -38.75 -3.14 23.61
CA GLY B 66 -37.53 -2.46 23.20
C GLY B 66 -36.37 -2.74 24.14
N LYS B 67 -36.65 -2.85 25.44
CA LYS B 67 -35.62 -3.21 26.40
C LYS B 67 -35.16 -4.65 26.21
N TYR B 68 -36.07 -5.53 25.77
CA TYR B 68 -35.70 -6.92 25.55
C TYR B 68 -34.86 -7.08 24.30
N VAL B 69 -35.24 -6.42 23.21
CA VAL B 69 -34.43 -6.47 21.98
C VAL B 69 -33.08 -5.82 22.21
N GLY B 70 -33.03 -4.79 23.06
CA GLY B 70 -31.74 -4.24 23.46
C GLY B 70 -30.87 -5.25 24.16
N GLU B 71 -31.47 -6.05 25.05
CA GLU B 71 -30.72 -7.11 25.69
C GLU B 71 -30.31 -8.20 24.70
N LEU B 72 -31.09 -8.39 23.64
CA LEU B 72 -30.70 -9.34 22.61
C LEU B 72 -29.49 -8.87 21.84
N ARG B 73 -29.35 -7.55 21.65
CA ARG B 73 -28.13 -7.03 21.03
C ARG B 73 -26.92 -7.19 21.93
N LYS B 74 -27.10 -7.09 23.25
CA LYS B 74 -25.98 -7.25 24.17
C LYS B 74 -25.58 -8.70 24.33
N ALA B 75 -26.52 -9.63 24.19
CA ALA B 75 -26.24 -11.05 24.38
C ALA B 75 -25.80 -11.73 23.08
N LEU B 76 -26.68 -11.74 22.08
CA LEU B 76 -26.43 -12.49 20.84
C LEU B 76 -25.44 -11.78 19.92
N LEU B 77 -25.03 -10.57 20.26
CA LEU B 77 -24.08 -9.81 19.44
C LEU B 77 -22.95 -9.31 20.34
N SER B 78 -21.77 -9.19 19.74
CA SER B 78 -20.63 -8.49 20.33
C SER B 78 -20.12 -9.23 21.58
N GLY B 79 -19.60 -10.40 21.32
CA GLY B 79 -18.76 -11.16 22.24
C GLY B 79 -19.55 -12.07 23.16
N ALA B 80 -18.82 -12.96 23.81
CA ALA B 80 -19.38 -13.92 24.75
C ALA B 80 -18.21 -14.56 25.48
N GLY B 81 -18.53 -15.38 26.47
CA GLY B 81 -17.52 -16.07 27.26
C GLY B 81 -16.79 -15.16 28.23
N ALA B 83 -20.70 -11.96 27.38
CA ALA B 83 -19.28 -11.77 27.64
C ALA B 83 -19.02 -11.51 29.12
N ASP B 84 -18.64 -12.56 29.84
CA ASP B 84 -18.30 -12.51 31.27
C ASP B 84 -19.52 -12.24 32.15
N VAL B 85 -20.67 -11.94 31.53
CA VAL B 85 -21.92 -11.69 32.23
C VAL B 85 -23.02 -12.60 31.74
N TYR B 86 -23.18 -12.73 30.43
CA TYR B 86 -24.17 -13.63 29.85
C TYR B 86 -23.61 -15.04 29.77
N THR B 87 -24.42 -16.01 30.18
CA THR B 87 -24.03 -17.41 30.20
C THR B 87 -24.78 -18.14 29.09
N PHE B 88 -24.03 -18.72 28.16
CA PHE B 88 -24.61 -19.45 27.04
C PHE B 88 -24.50 -20.95 27.27
N ASN B 89 -25.50 -21.68 26.80
CA ASN B 89 -25.55 -23.13 26.92
C ASN B 89 -26.41 -23.69 25.80
N PHE B 90 -26.01 -24.84 25.26
CA PHE B 90 -26.75 -25.48 24.18
C PHE B 90 -26.85 -26.97 24.48
N SER B 91 -28.07 -27.44 24.73
CA SER B 91 -28.32 -28.86 24.95
C SER B 91 -28.18 -29.57 23.61
N LYS B 92 -27.08 -30.30 23.44
CA LYS B 92 -26.83 -31.00 22.19
C LYS B 92 -27.86 -32.10 21.92
N GLU B 93 -28.51 -32.60 22.96
CA GLU B 93 -29.55 -33.60 22.84
C GLU B 93 -30.92 -32.99 22.52
N SER B 94 -31.30 -31.93 23.24
CA SER B 94 -32.60 -31.32 23.09
C SER B 94 -32.67 -30.33 21.94
N ARG B 95 -31.52 -29.94 21.36
CA ARG B 95 -31.47 -28.97 20.27
C ARG B 95 -32.12 -27.64 20.67
N TYR B 96 -31.87 -27.21 21.91
CA TYR B 96 -32.43 -25.98 22.44
C TYR B 96 -31.31 -25.03 22.84
N PHE B 97 -31.39 -23.80 22.36
CA PHE B 97 -30.41 -22.76 22.68
C PHE B 97 -30.94 -21.95 23.85
N PHE B 98 -30.27 -22.05 25.00
CA PHE B 98 -30.74 -21.47 26.25
C PHE B 98 -29.61 -20.64 26.86
N PHE B 99 -29.87 -19.35 27.10
CA PHE B 99 -28.90 -18.46 27.68
C PHE B 99 -29.57 -17.58 28.73
N LYS B 100 -28.78 -17.15 29.72
CA LYS B 100 -29.27 -16.37 30.84
C LYS B 100 -28.33 -15.20 31.09
N LYS B 101 -28.64 -14.40 32.12
CA LYS B 101 -27.86 -13.23 32.47
C LYS B 101 -27.61 -13.24 33.97
N ASN B 102 -26.35 -13.15 34.36
CA ASN B 102 -25.96 -13.18 35.77
C ASN B 102 -25.96 -11.76 36.33
N LEU B 103 -26.57 -11.59 37.50
CA LEU B 103 -26.72 -10.26 38.09
C LEU B 103 -25.93 -10.22 39.38
N LYS B 104 -26.57 -10.34 40.54
CA LYS B 104 -25.88 -10.38 41.81
C LYS B 104 -25.91 -11.79 42.38
N ASP B 105 -27.06 -12.21 42.88
CA ASP B 105 -27.30 -13.59 43.29
C ASP B 105 -28.49 -14.20 42.56
N VAL B 106 -28.94 -13.56 41.48
CA VAL B 106 -30.09 -14.02 40.72
C VAL B 106 -29.70 -14.08 39.25
N SER B 107 -29.78 -15.26 38.66
CA SER B 107 -29.56 -15.46 37.23
C SER B 107 -30.89 -15.89 36.61
N PHE B 108 -31.37 -15.09 35.64
CA PHE B 108 -32.68 -15.31 35.04
C PHE B 108 -32.54 -15.64 33.56
N ARG B 109 -33.42 -16.51 33.08
CA ARG B 109 -33.43 -16.88 31.66
C ARG B 109 -33.81 -15.68 30.81
N LEU B 110 -33.02 -15.42 29.77
CA LEU B 110 -33.29 -14.32 28.85
C LEU B 110 -33.87 -14.79 27.52
N GLY B 111 -33.52 -15.98 27.06
CA GLY B 111 -34.05 -16.48 25.80
C GLY B 111 -33.92 -17.98 25.72
N SER B 112 -34.79 -18.59 24.91
CA SER B 112 -34.75 -20.02 24.65
C SER B 112 -35.31 -20.29 23.27
N PHE B 113 -34.45 -20.79 22.37
CA PHE B 113 -34.85 -20.99 20.98
C PHE B 113 -34.37 -22.36 20.52
N ASN B 114 -35.20 -23.01 19.71
CA ASN B 114 -34.88 -24.34 19.20
C ASN B 114 -34.07 -24.25 17.92
N LEU B 115 -32.98 -25.02 17.85
CA LEU B 115 -32.10 -25.07 16.68
C LEU B 115 -32.00 -26.50 16.20
N GLU B 116 -32.62 -26.80 15.08
CA GLU B 116 -32.51 -28.13 14.50
C GLU B 116 -31.17 -28.29 13.77
N LYS B 117 -30.66 -29.51 13.77
CA LYS B 117 -29.37 -29.78 13.13
C LYS B 117 -29.52 -29.70 11.61
N VAL B 118 -28.55 -29.04 10.98
CA VAL B 118 -28.57 -28.81 9.54
C VAL B 118 -27.96 -30.03 8.83
N GLU B 119 -28.48 -30.31 7.64
CA GLU B 119 -28.00 -31.42 6.81
C GLU B 119 -26.76 -31.07 6.02
N ASN B 120 -26.36 -29.80 5.99
CA ASN B 120 -25.22 -29.33 5.21
C ASN B 120 -24.26 -28.56 6.12
N PRO B 121 -23.55 -29.25 7.02
CA PRO B 121 -22.69 -28.52 7.95
C PRO B 121 -21.47 -27.92 7.30
N ALA B 122 -20.85 -28.63 6.35
CA ALA B 122 -19.69 -28.07 5.66
C ALA B 122 -20.08 -26.90 4.76
N GLU B 123 -21.26 -26.95 4.16
CA GLU B 123 -21.70 -25.86 3.31
C GLU B 123 -21.95 -24.59 4.12
N VAL B 124 -22.52 -24.74 5.32
CA VAL B 124 -22.78 -23.58 6.17
C VAL B 124 -21.47 -22.96 6.64
N ILE B 125 -20.54 -23.79 7.09
CA ILE B 125 -19.21 -23.31 7.49
C ILE B 125 -18.50 -22.66 6.30
N ARG B 126 -18.67 -23.25 5.12
CA ARG B 126 -18.08 -22.67 3.92
C ARG B 126 -18.69 -21.29 3.62
N GLU B 127 -19.98 -21.13 3.89
CA GLU B 127 -20.62 -19.83 3.71
C GLU B 127 -20.18 -18.85 4.79
N LEU B 128 -20.01 -19.32 6.02
CA LEU B 128 -19.63 -18.43 7.11
C LEU B 128 -18.22 -17.91 6.93
N ILE B 129 -17.30 -18.75 6.45
CA ILE B 129 -15.92 -18.32 6.22
C ILE B 129 -15.84 -17.38 5.03
N ASP B 130 -16.61 -17.66 3.97
CA ASP B 130 -16.61 -16.79 2.80
C ASP B 130 -17.12 -15.40 3.15
N TYR B 131 -18.07 -15.30 4.08
CA TYR B 131 -18.60 -14.00 4.47
C TYR B 131 -17.56 -13.19 5.24
N ALA B 132 -16.95 -13.80 6.25
CA ALA B 132 -15.95 -13.10 7.05
C ALA B 132 -14.79 -12.61 6.20
N LEU B 133 -14.31 -13.45 5.28
CA LEU B 133 -13.24 -13.01 4.38
C LEU B 133 -13.72 -11.90 3.46
N ASP B 134 -15.00 -11.90 3.08
CA ASP B 134 -15.51 -10.84 2.22
C ASP B 134 -15.63 -9.54 2.99
N ARG B 135 -16.03 -9.61 4.25
CA ARG B 135 -16.14 -8.38 5.06
C ARG B 135 -14.76 -7.82 5.38
N ASN B 136 -13.75 -8.68 5.51
CA ASN B 136 -12.39 -8.20 5.71
C ASN B 136 -11.90 -7.43 4.49
N ASN B 137 -12.11 -7.99 3.29
CA ASN B 137 -11.74 -7.30 2.07
C ASN B 137 -12.52 -6.01 1.89
N LEU B 138 -13.72 -5.94 2.46
CA LEU B 138 -14.49 -4.70 2.41
C LEU B 138 -13.96 -3.67 3.40
N LEU B 139 -13.65 -4.10 4.63
CA LEU B 139 -13.12 -3.15 5.62
C LEU B 139 -11.72 -2.68 5.22
N GLN B 140 -10.91 -3.57 4.65
CA GLN B 140 -9.56 -3.18 4.24
C GLN B 140 -9.61 -2.23 3.05
N ALA B 141 -10.67 -2.28 2.26
CA ALA B 141 -10.84 -1.31 1.19
C ALA B 141 -11.24 0.05 1.74
N GLU B 142 -11.96 0.07 2.88
CA GLU B 142 -12.30 1.33 3.51
C GLU B 142 -11.08 1.97 4.19
N LEU B 143 -10.13 1.15 4.63
CA LEU B 143 -8.91 1.70 5.20
C LEU B 143 -8.06 2.38 4.13
N GLU B 144 -8.01 1.81 2.92
CA GLU B 144 -7.30 2.46 1.83
C GLU B 144 -7.96 3.79 1.49
N GLU B 145 -9.28 3.87 1.52
CA GLU B 145 -9.97 5.12 1.27
C GLU B 145 -9.73 6.12 2.39
N LEU B 146 -9.83 5.67 3.64
CA LEU B 146 -9.69 6.57 4.78
C LEU B 146 -8.25 7.01 5.01
N ARG B 147 -7.27 6.16 4.71
CA ARG B 147 -5.88 6.60 4.76
C ARG B 147 -5.61 7.71 3.75
N ALA B 148 -6.26 7.64 2.59
CA ALA B 148 -6.15 8.71 1.61
C ALA B 148 -6.77 10.01 2.10
N VAL B 149 -7.85 9.92 2.89
CA VAL B 149 -8.45 11.12 3.45
C VAL B 149 -7.53 11.73 4.50
N VAL B 150 -6.83 10.90 5.28
CA VAL B 150 -5.90 11.42 6.27
C VAL B 150 -4.76 12.17 5.59
N GLU B 151 -4.13 11.54 4.60
CA GLU B 151 -3.04 12.20 3.88
C GLU B 151 -3.52 13.47 3.20
N GLN B 152 -4.77 13.48 2.73
CA GLN B 152 -5.30 14.67 2.06
C GLN B 152 -5.56 15.80 3.06
N THR B 153 -6.14 15.46 4.21
CA THR B 153 -6.37 16.47 5.24
C THR B 153 -5.07 16.87 5.93
N GLU B 154 -4.15 15.91 6.11
CA GLU B 154 -2.86 16.23 6.70
C GLU B 154 -2.09 17.23 5.85
N ARG B 155 -2.13 17.06 4.53
CA ARG B 155 -1.44 18.00 3.64
C ARG B 155 -2.03 19.39 3.74
N SER B 156 -3.37 19.48 3.77
CA SER B 156 -4.01 20.79 3.84
C SER B 156 -3.75 21.46 5.18
N ARG B 157 -3.77 20.69 6.27
CA ARG B 157 -3.47 21.28 7.58
C ARG B 157 -2.01 21.70 7.68
N LYS B 158 -1.09 20.87 7.18
CA LYS B 158 0.33 21.16 7.32
C LYS B 158 0.70 22.46 6.61
N LEU B 159 0.16 22.68 5.41
CA LEU B 159 0.42 23.93 4.71
C LEU B 159 -0.32 25.09 5.36
N ALA B 160 -1.46 24.81 6.00
CA ALA B 160 -2.19 25.87 6.70
C ALA B 160 -1.39 26.39 7.89
N GLU B 161 -0.81 25.49 8.68
CA GLU B 161 0.05 25.92 9.78
C GLU B 161 1.34 26.54 9.24
N GLN B 162 1.87 25.99 8.15
CA GLN B 162 3.05 26.59 7.53
C GLN B 162 2.76 28.00 7.02
N GLU B 163 1.60 28.19 6.39
CA GLU B 163 1.23 29.52 5.92
C GLU B 163 0.94 30.46 7.07
N LEU B 164 0.31 29.95 8.14
CA LEU B 164 0.05 30.78 9.31
C LEU B 164 1.35 31.20 9.99
N ILE B 165 2.36 30.32 9.99
CA ILE B 165 3.65 30.66 10.58
C ILE B 165 4.32 31.78 9.79
N GLU B 166 4.31 31.67 8.45
CA GLU B 166 4.94 32.70 7.63
C GLU B 166 4.19 34.03 7.74
N THR B 167 2.85 33.99 7.71
CA THR B 167 2.07 35.22 7.81
C THR B 167 2.25 35.87 9.18
N SER B 168 2.47 35.08 10.23
CA SER B 168 2.76 35.66 11.54
C SER B 168 4.18 36.20 11.62
N GLU B 169 5.14 35.50 10.99
CA GLU B 169 6.50 36.02 10.96
C GLU B 169 6.60 37.24 10.05
N ARG B 170 5.73 37.34 9.04
CA ARG B 170 5.70 38.52 8.19
C ARG B 170 5.24 39.75 8.96
N VAL B 171 4.22 39.59 9.81
CA VAL B 171 3.69 40.73 10.57
C VAL B 171 4.67 41.21 11.63
N GLN B 172 5.67 40.40 11.97
CA GLN B 172 6.69 40.81 12.93
C GLN B 172 7.83 41.57 12.24
N LEU B 173 8.27 41.09 11.08
CA LEU B 173 9.24 41.85 10.29
C LEU B 173 8.63 43.16 9.80
N LEU B 174 7.33 43.17 9.53
CA LEU B 174 6.68 44.37 9.00
C LEU B 174 6.43 45.39 10.09
N HIS B 175 6.04 44.94 11.29
CA HIS B 175 5.82 45.87 12.40
C HIS B 175 7.12 46.56 12.80
N SER B 176 8.22 45.80 12.85
CA SER B 176 9.52 46.40 13.15
C SER B 176 10.00 47.32 12.04
N GLN B 177 9.69 46.98 10.78
CA GLN B 177 10.06 47.85 9.68
C GLN B 177 9.31 49.18 9.74
N ASN B 178 8.03 49.13 10.10
CA ASN B 178 7.27 50.38 10.28
C ASN B 178 7.75 51.15 11.50
N THR B 179 8.12 50.44 12.57
CA THR B 179 8.64 51.10 13.75
C THR B 179 9.90 51.89 13.43
N SER B 180 10.85 51.25 12.74
CA SER B 180 12.05 51.96 12.30
C SER B 180 11.73 53.03 11.26
N LEU B 181 10.56 52.94 10.60
CA LEU B 181 10.20 53.91 9.59
C LEU B 181 9.55 55.15 10.20
N ILE B 182 8.76 54.96 11.25
CA ILE B 182 8.20 56.11 11.97
C ILE B 182 9.32 56.91 12.63
N ASN B 183 10.37 56.24 13.07
CA ASN B 183 11.51 56.94 13.66
C ASN B 183 12.28 57.72 12.61
N GLN B 184 12.48 57.13 11.42
CA GLN B 184 13.11 57.88 10.33
C GLN B 184 12.27 59.09 9.93
N LYS B 185 10.95 58.89 9.84
CA LYS B 185 10.05 60.03 9.57
C LYS B 185 10.14 61.07 10.67
N LYS B 186 10.39 60.65 11.92
CA LYS B 186 10.49 61.59 13.02
C LYS B 186 11.75 62.45 12.90
N LYS B 187 12.88 61.83 12.50
CA LYS B 187 14.13 62.56 12.41
C LYS B 187 14.21 63.44 11.18
N MET B 188 13.59 63.03 10.07
CA MET B 188 13.61 63.87 8.87
C MET B 188 12.74 65.11 9.05
N ASP B 189 11.71 65.03 9.89
CA ASP B 189 10.92 66.22 10.20
C ASP B 189 11.73 67.23 11.01
N ALA B 190 12.63 66.74 11.87
CA ALA B 190 13.47 67.64 12.66
C ALA B 190 14.55 68.29 11.81
N ASP B 191 14.97 67.63 10.73
CA ASP B 191 15.96 68.22 9.84
C ASP B 191 15.35 69.24 8.90
N LEU B 192 14.07 69.07 8.53
CA LEU B 192 13.41 70.06 7.68
C LEU B 192 13.22 71.37 8.42
N SER B 193 12.72 71.31 9.65
CA SER B 193 12.56 72.53 10.45
C SER B 193 13.90 73.20 10.74
N GLN B 194 15.00 72.43 10.73
CA GLN B 194 16.32 73.03 10.88
C GLN B 194 16.74 73.75 9.61
N LEU B 195 16.48 73.15 8.44
CA LEU B 195 16.82 73.79 7.18
C LEU B 195 15.83 74.87 6.79
N GLN B 196 14.55 74.71 7.16
CA GLN B 196 13.57 75.77 6.93
C GLN B 196 13.96 77.05 7.67
N THR B 197 14.58 76.90 8.85
CA THR B 197 15.06 78.08 9.58
C THR B 197 16.24 78.72 8.87
N GLU B 198 17.20 77.92 8.39
CA GLU B 198 18.38 78.48 7.75
C GLU B 198 18.07 79.20 6.45
N VAL B 199 16.95 78.87 5.80
CA VAL B 199 16.52 79.63 4.62
C VAL B 199 16.15 81.05 5.02
N GLU B 200 15.23 81.18 5.99
CA GLU B 200 14.76 82.50 6.41
C GLU B 200 15.82 83.24 7.22
N GLU B 201 16.67 82.51 7.94
CA GLU B 201 17.69 83.14 8.78
C GLU B 201 18.83 83.72 7.97
N ALA B 202 19.14 83.14 6.81
CA ALA B 202 20.22 83.63 5.96
C ALA B 202 19.74 84.62 4.90
N VAL B 203 18.59 85.24 5.11
CA VAL B 203 18.08 86.21 4.14
C VAL B 203 18.49 87.63 4.52
N GLU C 4 -3.83 9.41 -9.56
CA GLU C 4 -4.24 8.06 -9.15
C GLU C 4 -4.87 7.30 -10.32
N ARG C 5 -4.54 6.02 -10.44
CA ARG C 5 -4.84 5.28 -11.65
C ARG C 5 -4.62 3.79 -11.39
N LYS C 6 -5.53 2.96 -11.89
CA LYS C 6 -5.41 1.51 -11.74
C LYS C 6 -6.08 0.81 -12.91
N ILE C 7 -5.36 -0.09 -13.56
CA ILE C 7 -5.84 -0.83 -14.71
C ILE C 7 -6.13 -2.27 -14.27
N SER C 8 -7.36 -2.72 -14.50
CA SER C 8 -7.79 -4.03 -14.08
C SER C 8 -8.12 -4.89 -15.29
N ARG C 9 -7.94 -6.20 -15.14
CA ARG C 9 -8.26 -7.17 -16.18
C ARG C 9 -9.60 -7.82 -15.80
N ILE C 10 -10.68 -7.34 -16.41
CA ILE C 10 -12.01 -7.84 -16.10
C ILE C 10 -12.50 -8.74 -17.23
N HIS C 11 -13.47 -9.59 -16.89
CA HIS C 11 -14.05 -10.54 -17.82
C HIS C 11 -15.54 -10.25 -17.91
N LEU C 12 -15.98 -9.75 -19.07
CA LEU C 12 -17.36 -9.35 -19.27
C LEU C 12 -18.21 -10.53 -19.70
N VAL C 13 -19.46 -10.58 -19.22
CA VAL C 13 -20.36 -11.67 -19.59
C VAL C 13 -20.80 -11.55 -21.04
N SER C 14 -20.81 -10.33 -21.58
CA SER C 14 -21.21 -10.13 -22.98
C SER C 14 -20.29 -10.88 -23.92
N GLU C 15 -19.00 -10.54 -23.93
CA GLU C 15 -17.98 -11.24 -24.70
C GLU C 15 -17.09 -12.01 -23.72
N PRO C 16 -17.39 -13.29 -23.46
CA PRO C 16 -16.60 -14.04 -22.47
C PRO C 16 -15.25 -14.48 -23.01
N SER C 17 -15.14 -14.61 -24.34
CA SER C 17 -13.89 -15.05 -24.95
C SER C 17 -12.81 -13.98 -24.81
N ILE C 18 -13.08 -12.78 -25.33
CA ILE C 18 -12.10 -11.70 -25.29
C ILE C 18 -12.02 -11.16 -23.88
N THR C 19 -10.82 -11.21 -23.29
CA THR C 19 -10.59 -10.61 -21.99
C THR C 19 -10.44 -9.10 -22.14
N HIS C 20 -11.16 -8.35 -21.30
CA HIS C 20 -11.19 -6.89 -21.39
C HIS C 20 -10.34 -6.27 -20.29
N PHE C 21 -10.10 -4.97 -20.44
CA PHE C 21 -9.31 -4.20 -19.47
C PHE C 21 -10.11 -3.00 -19.00
N LEU C 22 -10.04 -2.74 -17.69
CA LEU C 22 -10.78 -1.67 -17.05
C LEU C 22 -9.80 -0.71 -16.39
N GLN C 23 -9.79 0.54 -16.85
CA GLN C 23 -8.90 1.56 -16.32
C GLN C 23 -9.73 2.59 -15.56
N VAL C 24 -9.45 2.74 -14.27
CA VAL C 24 -10.15 3.69 -13.40
C VAL C 24 -9.15 4.72 -12.93
N SER C 25 -9.49 6.00 -13.11
CA SER C 25 -8.61 7.10 -12.73
C SER C 25 -9.40 8.10 -11.90
N TRP C 26 -8.81 8.55 -10.80
CA TRP C 26 -9.45 9.49 -9.90
C TRP C 26 -8.36 10.43 -9.37
N GLU C 27 -8.64 11.14 -8.28
CA GLU C 27 -7.68 12.07 -7.68
C GLU C 27 -7.77 11.96 -6.16
N LYS C 28 -6.95 11.06 -5.60
CA LYS C 28 -6.67 10.95 -4.17
C LYS C 28 -7.84 10.43 -3.35
N THR C 29 -9.03 10.34 -3.93
CA THR C 29 -10.18 9.81 -3.21
C THR C 29 -11.19 9.29 -4.22
N LEU C 30 -11.66 8.05 -4.02
CA LEU C 30 -12.66 7.50 -4.92
C LEU C 30 -14.04 8.10 -4.67
N LYS C 31 -14.32 8.49 -3.43
CA LYS C 31 -15.60 9.13 -3.11
C LYS C 31 -15.73 10.49 -3.78
N SER C 32 -14.62 11.09 -4.23
CA SER C 32 -14.62 12.37 -4.92
C SER C 32 -14.90 12.24 -6.41
N GLY C 33 -15.13 11.03 -6.91
CA GLY C 33 -15.39 10.79 -8.30
C GLY C 33 -14.23 10.09 -8.99
N PHE C 34 -14.54 9.46 -10.13
CA PHE C 34 -13.53 8.73 -10.89
C PHE C 34 -13.95 8.66 -12.34
N VAL C 35 -13.00 8.27 -13.19
CA VAL C 35 -13.23 8.09 -14.62
C VAL C 35 -12.91 6.64 -14.95
N ILE C 36 -13.89 5.91 -15.47
CA ILE C 36 -13.77 4.49 -15.75
C ILE C 36 -13.69 4.29 -17.25
N THR C 37 -12.72 3.50 -17.70
CA THR C 37 -12.49 3.25 -19.11
C THR C 37 -12.44 1.75 -19.37
N LEU C 38 -13.14 1.32 -20.42
CA LEU C 38 -13.19 -0.08 -20.81
C LEU C 38 -12.64 -0.22 -22.23
N THR C 39 -11.68 -1.12 -22.41
CA THR C 39 -11.03 -1.31 -23.70
C THR C 39 -10.81 -2.79 -23.98
N ASP C 40 -11.09 -3.19 -25.21
CA ASP C 40 -10.89 -4.57 -25.66
C ASP C 40 -9.79 -4.67 -26.71
N GLY C 41 -8.82 -3.74 -26.67
CA GLY C 41 -7.68 -3.77 -27.55
C GLY C 41 -7.84 -3.06 -28.87
N HIS C 42 -9.07 -2.76 -29.28
CA HIS C 42 -9.33 -2.03 -30.52
C HIS C 42 -10.08 -0.73 -30.29
N SER C 43 -11.22 -0.78 -29.62
CA SER C 43 -12.01 0.39 -29.29
C SER C 43 -12.07 0.57 -27.78
N ALA C 44 -12.56 1.74 -27.35
CA ALA C 44 -12.61 2.07 -25.94
C ALA C 44 -13.94 2.72 -25.59
N TRP C 45 -14.30 2.63 -24.32
CA TRP C 45 -15.51 3.25 -23.78
C TRP C 45 -15.15 3.91 -22.45
N THR C 46 -15.35 5.22 -22.36
CA THR C 46 -14.95 6.00 -21.20
C THR C 46 -16.16 6.74 -20.64
N GLY C 47 -16.38 6.59 -19.34
CA GLY C 47 -17.42 7.34 -18.66
C GLY C 47 -16.87 7.94 -17.38
N THR C 48 -17.60 8.94 -16.88
CA THR C 48 -17.22 9.65 -15.67
C THR C 48 -18.31 9.48 -14.62
N VAL C 49 -17.90 9.11 -13.41
CA VAL C 49 -18.81 8.95 -12.28
C VAL C 49 -18.49 10.07 -11.29
N SER C 50 -19.43 11.00 -11.13
CA SER C 50 -19.21 12.17 -10.30
C SER C 50 -19.47 11.83 -8.82
N GLU C 51 -19.06 12.74 -7.95
CA GLU C 51 -19.29 12.56 -6.52
C GLU C 51 -20.78 12.49 -6.21
N SER C 52 -21.59 13.26 -6.94
CA SER C 52 -23.04 13.22 -6.74
C SER C 52 -23.64 11.91 -7.20
N LYS C 53 -23.06 11.30 -8.23
CA LYS C 53 -23.58 10.01 -8.71
C LYS C 53 -23.29 8.89 -7.71
N ILE C 54 -22.12 8.95 -7.06
CA ILE C 54 -21.78 7.93 -6.08
C ILE C 54 -22.72 8.02 -4.87
N SER C 55 -23.00 9.22 -4.40
CA SER C 55 -23.93 9.39 -3.28
C SER C 55 -25.35 8.99 -3.67
N GLN C 56 -25.72 9.19 -4.94
CA GLN C 56 -27.06 8.79 -5.38
C GLN C 56 -27.17 7.28 -5.51
N GLU C 57 -26.17 6.64 -6.11
CA GLU C 57 -26.15 5.18 -6.19
C GLU C 57 -26.09 4.53 -4.82
N ALA C 58 -25.36 5.14 -3.89
CA ALA C 58 -25.30 4.59 -2.54
C ALA C 58 -26.64 4.75 -1.82
N ALA C 59 -27.31 5.89 -2.04
CA ALA C 59 -28.60 6.09 -1.39
C ALA C 59 -29.70 5.26 -2.04
N THR C 60 -29.50 4.81 -3.29
CA THR C 60 -30.53 4.05 -3.98
C THR C 60 -30.77 2.71 -3.32
N MET C 61 -29.71 1.90 -3.19
CA MET C 61 -29.82 0.57 -2.62
C MET C 61 -29.69 0.56 -1.09
N ALA C 62 -29.97 1.69 -0.44
CA ALA C 62 -29.91 1.76 1.03
C ALA C 62 -28.57 1.27 1.56
N MET C 63 -27.51 2.06 1.40
CA MET C 63 -26.18 1.62 1.82
C MET C 63 -25.38 2.82 2.28
N ASN C 64 -24.61 2.62 3.36
CA ASN C 64 -23.73 3.68 3.83
C ASN C 64 -22.72 4.04 2.74
N LYS C 65 -22.53 5.35 2.52
CA LYS C 65 -21.64 5.79 1.45
C LYS C 65 -20.22 5.30 1.66
N GLY C 66 -19.77 5.25 2.91
CA GLY C 66 -18.48 4.67 3.20
C GLY C 66 -18.40 3.20 2.83
N LYS C 67 -19.50 2.46 3.03
CA LYS C 67 -19.53 1.06 2.66
C LYS C 67 -19.73 0.87 1.17
N TYR C 68 -20.37 1.83 0.50
CA TYR C 68 -20.56 1.70 -0.94
C TYR C 68 -19.25 1.92 -1.69
N VAL C 69 -18.48 2.93 -1.30
CA VAL C 69 -17.18 3.16 -1.92
C VAL C 69 -16.24 2.01 -1.62
N GLY C 70 -16.40 1.36 -0.47
CA GLY C 70 -15.63 0.16 -0.19
C GLY C 70 -15.93 -0.96 -1.17
N GLU C 71 -17.19 -1.07 -1.58
CA GLU C 71 -17.56 -2.07 -2.58
C GLU C 71 -17.03 -1.70 -3.95
N LEU C 72 -17.05 -0.40 -4.29
CA LEU C 72 -16.49 0.05 -5.56
C LEU C 72 -14.98 -0.16 -5.61
N ARG C 73 -14.28 0.24 -4.56
CA ARG C 73 -12.84 0.06 -4.51
C ARG C 73 -12.45 -1.42 -4.49
N LYS C 74 -13.39 -2.31 -4.17
CA LYS C 74 -13.14 -3.74 -4.14
C LYS C 74 -13.47 -4.43 -5.47
N ALA C 75 -14.44 -3.89 -6.21
CA ALA C 75 -14.84 -4.49 -7.47
C ALA C 75 -14.12 -3.88 -8.67
N LEU C 76 -13.91 -2.56 -8.66
CA LEU C 76 -13.34 -1.88 -9.82
C LEU C 76 -11.83 -1.75 -9.76
N LEU C 77 -11.20 -1.96 -8.60
CA LEU C 77 -9.77 -1.76 -8.44
C LEU C 77 -8.99 -3.03 -8.18
N SER C 78 -9.56 -4.01 -7.46
CA SER C 78 -8.82 -5.24 -7.18
C SER C 78 -8.61 -6.06 -8.44
N GLY C 79 -9.49 -5.93 -9.44
CA GLY C 79 -9.38 -6.69 -10.66
C GLY C 79 -10.40 -7.81 -10.79
N ALA C 80 -9.96 -8.95 -11.30
CA ALA C 80 -10.83 -10.11 -11.46
C ALA C 80 -10.01 -11.40 -11.55
N PRO C 82 -8.16 -10.86 -8.53
CA PRO C 82 -8.81 -11.22 -7.27
C PRO C 82 -10.29 -10.82 -7.22
N ALA C 83 -11.03 -11.41 -6.28
CA ALA C 83 -12.45 -11.12 -6.07
C ALA C 83 -13.26 -11.36 -7.34
N ASP C 84 -13.38 -12.65 -7.67
CA ASP C 84 -14.22 -13.08 -8.78
C ASP C 84 -15.70 -13.12 -8.41
N VAL C 85 -16.06 -12.72 -7.19
CA VAL C 85 -17.45 -12.69 -6.76
C VAL C 85 -18.27 -11.65 -7.51
N TYR C 86 -17.62 -10.73 -8.22
CA TYR C 86 -18.32 -9.69 -8.96
C TYR C 86 -18.54 -10.11 -10.40
N THR C 87 -19.75 -9.86 -10.89
CA THR C 87 -20.14 -10.22 -12.26
C THR C 87 -20.23 -8.94 -13.07
N PHE C 88 -19.26 -8.73 -13.94
CA PHE C 88 -19.21 -7.52 -14.77
C PHE C 88 -19.88 -7.79 -16.11
N ASN C 89 -20.63 -6.80 -16.58
CA ASN C 89 -21.35 -6.91 -17.85
C ASN C 89 -21.45 -5.53 -18.47
N PHE C 90 -21.18 -5.45 -19.77
CA PHE C 90 -21.24 -4.19 -20.49
C PHE C 90 -21.97 -4.40 -21.81
N SER C 91 -23.13 -3.75 -21.95
CA SER C 91 -23.88 -3.82 -23.20
C SER C 91 -23.32 -2.79 -24.16
N LYS C 92 -22.88 -3.24 -25.35
CA LYS C 92 -22.34 -2.32 -26.34
C LYS C 92 -23.45 -1.54 -27.04
N GLU C 93 -24.66 -2.11 -27.13
CA GLU C 93 -25.78 -1.39 -27.73
C GLU C 93 -26.16 -0.18 -26.89
N SER C 94 -26.60 -0.41 -25.65
CA SER C 94 -27.00 0.67 -24.76
C SER C 94 -25.81 1.42 -24.16
N ARG C 95 -24.60 0.92 -24.34
CA ARG C 95 -23.38 1.57 -23.86
C ARG C 95 -23.43 1.77 -22.34
N TYR C 96 -23.89 0.75 -21.62
CA TYR C 96 -23.99 0.77 -20.17
C TYR C 96 -23.12 -0.33 -19.58
N PHE C 97 -22.46 -0.01 -18.46
CA PHE C 97 -21.57 -0.93 -17.76
C PHE C 97 -22.13 -1.14 -16.36
N PHE C 98 -22.67 -2.33 -16.11
CA PHE C 98 -23.26 -2.67 -14.82
C PHE C 98 -22.60 -3.93 -14.27
N PHE C 99 -22.34 -3.92 -12.96
CA PHE C 99 -21.75 -5.07 -12.28
C PHE C 99 -22.56 -5.38 -11.04
N LYS C 100 -22.44 -6.63 -10.60
CA LYS C 100 -23.20 -7.12 -9.45
C LYS C 100 -22.32 -8.02 -8.60
N LYS C 101 -22.77 -8.28 -7.38
CA LYS C 101 -22.04 -9.09 -6.41
C LYS C 101 -22.76 -10.43 -6.24
N ASN C 102 -22.01 -11.52 -6.34
CA ASN C 102 -22.58 -12.86 -6.37
C ASN C 102 -22.14 -13.66 -5.15
N LEU C 103 -23.10 -14.02 -4.28
CA LEU C 103 -22.91 -14.97 -3.21
C LEU C 103 -24.26 -15.21 -2.53
N LYS C 104 -24.41 -16.40 -1.96
CA LYS C 104 -25.62 -16.79 -1.21
C LYS C 104 -26.86 -16.75 -2.10
N ASP C 105 -26.69 -17.16 -3.36
CA ASP C 105 -27.79 -17.24 -4.34
C ASP C 105 -28.47 -15.89 -4.55
N VAL C 106 -27.75 -14.79 -4.32
CA VAL C 106 -28.27 -13.44 -4.51
C VAL C 106 -27.30 -12.70 -5.42
N SER C 107 -27.81 -12.17 -6.52
CA SER C 107 -27.02 -11.45 -7.51
C SER C 107 -27.66 -10.07 -7.72
N PHE C 108 -27.53 -9.20 -6.73
CA PHE C 108 -28.07 -7.85 -6.81
C PHE C 108 -27.06 -6.92 -7.47
N ARG C 109 -27.57 -6.01 -8.30
CA ARG C 109 -26.71 -5.07 -9.00
C ARG C 109 -26.09 -4.07 -8.03
N LEU C 110 -24.81 -3.82 -8.21
CA LEU C 110 -24.06 -2.91 -7.34
C LEU C 110 -23.82 -1.54 -7.95
N GLY C 111 -23.79 -1.45 -9.27
CA GLY C 111 -23.59 -0.17 -9.94
C GLY C 111 -24.04 -0.23 -11.37
N SER C 112 -24.44 0.93 -11.90
CA SER C 112 -24.92 1.05 -13.27
C SER C 112 -24.34 2.33 -13.86
N PHE C 113 -23.35 2.20 -14.73
CA PHE C 113 -22.63 3.33 -15.29
C PHE C 113 -22.80 3.36 -16.80
N ASN C 114 -22.77 4.57 -17.36
CA ASN C 114 -22.96 4.80 -18.80
C ASN C 114 -21.61 5.15 -19.41
N LEU C 115 -21.00 4.19 -20.09
CA LEU C 115 -19.74 4.39 -20.79
C LEU C 115 -20.02 4.68 -22.26
N GLU C 116 -19.65 5.86 -22.72
CA GLU C 116 -19.83 6.23 -24.12
C GLU C 116 -18.58 5.89 -24.93
N LYS C 117 -18.79 5.60 -26.20
CA LYS C 117 -17.72 5.12 -27.07
C LYS C 117 -16.80 6.27 -27.46
N VAL C 118 -15.50 6.02 -27.39
CA VAL C 118 -14.48 7.01 -27.71
C VAL C 118 -14.17 6.95 -29.20
N GLU C 119 -14.01 8.13 -29.81
CA GLU C 119 -13.69 8.23 -31.22
C GLU C 119 -12.18 8.19 -31.49
N ASN C 120 -11.37 8.15 -30.45
CA ASN C 120 -9.91 8.08 -30.58
C ASN C 120 -9.38 6.94 -29.70
N PRO C 121 -9.70 5.69 -30.05
CA PRO C 121 -9.24 4.58 -29.22
C PRO C 121 -7.75 4.35 -29.29
N ALA C 122 -7.09 4.80 -30.36
CA ALA C 122 -5.65 4.61 -30.48
C ALA C 122 -4.91 5.39 -29.40
N GLU C 123 -5.27 6.66 -29.21
CA GLU C 123 -4.61 7.48 -28.21
C GLU C 123 -4.92 6.99 -26.80
N VAL C 124 -6.14 6.53 -26.58
CA VAL C 124 -6.52 6.04 -25.26
C VAL C 124 -5.74 4.79 -24.89
N ILE C 125 -5.57 3.88 -25.85
CA ILE C 125 -4.81 2.66 -25.59
C ILE C 125 -3.34 2.98 -25.38
N ARG C 126 -2.77 3.83 -26.25
CA ARG C 126 -1.36 4.18 -26.12
C ARG C 126 -1.07 4.91 -24.82
N GLU C 127 -2.02 5.73 -24.34
CA GLU C 127 -1.85 6.35 -23.03
C GLU C 127 -1.90 5.30 -21.92
N LEU C 128 -2.74 4.26 -22.10
CA LEU C 128 -2.79 3.18 -21.13
C LEU C 128 -1.51 2.36 -21.15
N ILE C 129 -1.02 2.02 -22.34
CA ILE C 129 0.23 1.28 -22.45
C ILE C 129 1.39 2.10 -21.92
N ASP C 130 1.37 3.42 -22.15
CA ASP C 130 2.46 4.27 -21.68
C ASP C 130 2.48 4.36 -20.17
N TYR C 131 1.31 4.35 -19.54
CA TYR C 131 1.25 4.39 -18.08
C TYR C 131 1.72 3.07 -17.48
N ALA C 132 1.36 1.94 -18.09
CA ALA C 132 1.79 0.65 -17.59
C ALA C 132 3.29 0.48 -17.69
N LEU C 133 3.92 1.05 -18.72
CA LEU C 133 5.37 0.98 -18.83
C LEU C 133 6.06 1.94 -17.86
N ASP C 134 5.42 3.07 -17.55
CA ASP C 134 6.01 4.00 -16.59
C ASP C 134 5.93 3.45 -15.17
N ARG C 135 4.80 2.83 -14.81
CA ARG C 135 4.70 2.17 -13.51
C ARG C 135 5.68 1.02 -13.38
N ASN C 136 6.00 0.37 -14.50
CA ASN C 136 6.97 -0.72 -14.49
C ASN C 136 8.37 -0.22 -14.13
N ASN C 137 8.81 0.86 -14.79
CA ASN C 137 10.14 1.40 -14.52
C ASN C 137 10.25 1.94 -13.11
N LEU C 138 9.16 2.49 -12.56
CA LEU C 138 9.20 2.99 -11.19
C LEU C 138 9.40 1.87 -10.19
N LEU C 139 8.68 0.76 -10.36
CA LEU C 139 8.85 -0.36 -9.43
C LEU C 139 10.23 -1.01 -9.59
N GLN C 140 10.81 -0.94 -10.79
CA GLN C 140 12.15 -1.48 -10.98
C GLN C 140 13.19 -0.62 -10.29
N ALA C 141 13.05 0.70 -10.37
CA ALA C 141 13.99 1.60 -9.68
C ALA C 141 13.86 1.47 -8.18
N GLU C 142 12.63 1.36 -7.67
CA GLU C 142 12.42 1.18 -6.23
C GLU C 142 13.00 -0.13 -5.75
N LEU C 143 13.00 -1.17 -6.59
CA LEU C 143 13.64 -2.42 -6.23
C LEU C 143 15.15 -2.25 -6.14
N GLU C 144 15.76 -1.55 -7.09
CA GLU C 144 17.20 -1.35 -7.05
C GLU C 144 17.60 -0.47 -5.88
N GLU C 145 16.77 0.54 -5.56
CA GLU C 145 17.02 1.35 -4.38
C GLU C 145 16.92 0.51 -3.11
N LEU C 146 15.87 -0.32 -3.02
CA LEU C 146 15.67 -1.13 -1.82
C LEU C 146 16.78 -2.16 -1.66
N ARG C 147 17.20 -2.80 -2.75
CA ARG C 147 18.33 -3.72 -2.67
C ARG C 147 19.58 -3.02 -2.19
N ALA C 148 19.78 -1.77 -2.62
CA ALA C 148 20.93 -1.00 -2.13
C ALA C 148 20.79 -0.69 -0.65
N VAL C 149 19.57 -0.48 -0.17
CA VAL C 149 19.39 -0.19 1.25
C VAL C 149 19.68 -1.44 2.08
N VAL C 150 19.38 -2.63 1.55
CA VAL C 150 19.61 -3.86 2.29
C VAL C 150 21.10 -4.12 2.45
N GLU C 151 21.87 -3.93 1.36
CA GLU C 151 23.31 -4.16 1.45
C GLU C 151 24.02 -3.09 2.27
N GLN C 152 23.42 -1.91 2.43
CA GLN C 152 24.01 -0.88 3.26
C GLN C 152 23.70 -1.10 4.73
N THR C 153 22.48 -1.52 5.04
CA THR C 153 22.10 -1.78 6.42
C THR C 153 22.86 -2.96 7.00
N GLU C 154 22.93 -4.06 6.24
CA GLU C 154 23.71 -5.21 6.70
C GLU C 154 25.18 -4.86 6.83
N ARG C 155 25.71 -4.07 5.89
CA ARG C 155 27.10 -3.61 6.01
C ARG C 155 27.26 -2.68 7.21
N SER C 156 26.28 -1.81 7.45
CA SER C 156 26.33 -0.96 8.62
C SER C 156 26.21 -1.75 9.91
N ARG C 157 25.47 -2.86 9.89
CA ARG C 157 25.36 -3.70 11.08
C ARG C 157 26.67 -4.41 11.36
N LYS C 158 27.31 -4.98 10.33
CA LYS C 158 28.58 -5.67 10.53
C LYS C 158 29.63 -4.73 11.10
N LEU C 159 29.63 -3.48 10.66
CA LEU C 159 30.55 -2.49 11.25
C LEU C 159 30.19 -2.22 12.70
N ALA C 160 28.89 -2.17 13.01
CA ALA C 160 28.47 -1.97 14.40
C ALA C 160 28.79 -3.17 15.27
N GLU C 161 28.90 -4.37 14.69
CA GLU C 161 29.29 -5.54 15.47
C GLU C 161 30.77 -5.52 15.80
N GLN C 162 31.61 -5.05 14.86
CA GLN C 162 33.05 -5.04 15.09
C GLN C 162 33.48 -3.86 15.95
N GLU C 163 32.83 -2.70 15.82
CA GLU C 163 33.17 -1.58 16.67
C GLU C 163 32.79 -1.84 18.13
N LEU C 164 31.78 -2.68 18.36
CA LEU C 164 31.36 -2.96 19.73
C LEU C 164 32.39 -3.83 20.45
N ILE C 165 32.92 -4.86 19.77
CA ILE C 165 33.90 -5.72 20.42
C ILE C 165 35.22 -4.99 20.60
N GLU C 166 35.53 -4.02 19.75
CA GLU C 166 36.71 -3.18 19.98
C GLU C 166 36.48 -2.23 21.14
N THR C 167 35.31 -1.59 21.17
CA THR C 167 34.97 -0.71 22.30
C THR C 167 34.81 -1.50 23.59
N SER C 168 34.37 -2.76 23.50
CA SER C 168 34.29 -3.60 24.69
C SER C 168 35.67 -3.99 25.21
N GLU C 169 36.64 -4.18 24.31
CA GLU C 169 38.02 -4.36 24.75
C GLU C 169 38.56 -3.08 25.37
N ARG C 170 38.07 -1.92 24.94
CA ARG C 170 38.50 -0.66 25.52
C ARG C 170 37.80 -0.37 26.84
N VAL C 171 36.54 -0.82 26.99
CA VAL C 171 35.81 -0.53 28.22
C VAL C 171 36.37 -1.31 29.39
N GLN C 172 36.95 -2.49 29.14
CA GLN C 172 37.53 -3.27 30.21
C GLN C 172 39.01 -2.98 30.42
N LEU C 173 39.73 -2.61 29.34
CA LEU C 173 41.10 -2.13 29.51
C LEU C 173 41.12 -0.81 30.28
N LEU C 174 40.10 0.01 30.12
CA LEU C 174 40.01 1.28 30.85
C LEU C 174 39.39 1.11 32.22
N HIS C 175 38.47 0.15 32.39
CA HIS C 175 37.93 -0.13 33.72
C HIS C 175 39.00 -0.74 34.62
N SER C 176 39.90 -1.55 34.06
CA SER C 176 41.00 -2.07 34.84
C SER C 176 42.00 -0.97 35.20
N GLN C 177 42.05 0.10 34.40
CA GLN C 177 42.94 1.21 34.72
C GLN C 177 42.42 2.04 35.88
N ASN C 178 41.10 2.26 35.92
CA ASN C 178 40.51 3.00 37.04
C ASN C 178 40.62 2.21 38.34
N THR C 179 40.44 0.89 38.27
CA THR C 179 40.59 0.06 39.46
C THR C 179 42.03 0.09 39.97
N SER C 180 42.99 0.03 39.05
CA SER C 180 44.40 0.12 39.45
C SER C 180 44.76 1.52 39.95
N LEU C 181 43.99 2.54 39.56
CA LEU C 181 44.25 3.90 39.99
C LEU C 181 43.56 4.22 41.32
N ILE C 182 42.33 3.76 41.49
CA ILE C 182 41.61 4.00 42.74
C ILE C 182 42.23 3.25 43.90
N ASN C 183 42.99 2.18 43.62
CA ASN C 183 43.67 1.45 44.68
C ASN C 183 44.80 2.27 45.29
N GLN C 184 45.64 2.86 44.44
CA GLN C 184 46.73 3.70 44.94
C GLN C 184 46.23 5.06 45.41
N LYS C 185 45.09 5.53 44.88
CA LYS C 185 44.49 6.76 45.39
C LYS C 185 44.04 6.59 46.84
N LYS C 186 43.32 5.49 47.12
CA LYS C 186 42.91 5.21 48.49
C LYS C 186 44.10 4.84 49.37
N LYS C 187 45.18 4.33 48.76
CA LYS C 187 46.36 3.96 49.53
C LYS C 187 47.22 5.18 49.84
N MET C 188 47.28 6.14 48.93
CA MET C 188 48.00 7.38 49.19
C MET C 188 47.20 8.34 50.06
N ASP C 189 45.87 8.33 49.93
CA ASP C 189 45.04 9.22 50.74
C ASP C 189 45.16 8.88 52.22
N ALA C 190 45.30 7.59 52.54
CA ALA C 190 45.57 7.20 53.92
C ALA C 190 47.03 7.45 54.30
N ASP C 191 47.93 7.42 53.32
CA ASP C 191 49.33 7.69 53.60
C ASP C 191 49.58 9.18 53.84
N LEU C 192 48.64 10.04 53.47
CA LEU C 192 48.77 11.47 53.73
C LEU C 192 48.53 11.82 55.19
N SER C 193 47.79 10.99 55.92
CA SER C 193 47.63 11.18 57.35
C SER C 193 48.85 10.69 58.12
N GLN C 194 49.59 9.73 57.57
CA GLN C 194 50.80 9.25 58.22
C GLN C 194 51.91 10.30 58.16
N LEU C 195 52.10 10.92 56.99
CA LEU C 195 53.07 11.99 56.87
C LEU C 195 52.64 13.24 57.65
N GLN C 196 51.34 13.37 57.94
CA GLN C 196 50.86 14.44 58.80
C GLN C 196 51.41 14.29 60.21
N THR C 197 51.64 13.05 60.65
CA THR C 197 52.14 12.74 61.99
C THR C 197 51.25 13.33 63.08
N GLY D 1 8.96 -22.22 -16.08
CA GLY D 1 8.64 -20.95 -16.70
C GLY D 1 9.67 -20.46 -17.70
N SER D 2 9.21 -20.17 -18.91
CA SER D 2 10.08 -19.73 -19.99
C SER D 2 9.44 -18.56 -20.72
N GLY D 3 10.26 -17.79 -21.42
CA GLY D 3 9.78 -16.63 -22.18
C GLY D 3 10.39 -15.36 -21.64
N GLU D 4 10.92 -14.55 -22.56
CA GLU D 4 11.54 -13.27 -22.23
C GLU D 4 11.05 -12.22 -23.19
N ARG D 5 10.81 -11.00 -22.69
CA ARG D 5 10.13 -9.98 -23.47
C ARG D 5 10.44 -8.61 -22.88
N LYS D 6 10.59 -7.61 -23.76
CA LYS D 6 10.79 -6.24 -23.34
C LYS D 6 9.99 -5.32 -24.25
N ILE D 7 9.17 -4.46 -23.65
CA ILE D 7 8.34 -3.51 -24.39
C ILE D 7 8.91 -2.12 -24.20
N SER D 8 9.06 -1.39 -25.29
CA SER D 8 9.77 -0.11 -25.28
C SER D 8 8.98 0.94 -26.04
N ARG D 9 9.15 2.19 -25.60
CA ARG D 9 8.65 3.35 -26.35
C ARG D 9 9.66 3.74 -27.42
N ILE D 10 9.19 3.87 -28.65
CA ILE D 10 10.04 4.26 -29.76
C ILE D 10 9.42 5.45 -30.48
N HIS D 11 10.28 6.31 -31.02
CA HIS D 11 9.88 7.50 -31.74
C HIS D 11 10.13 7.25 -33.23
N LEU D 12 9.07 6.93 -33.96
CA LEU D 12 9.17 6.73 -35.41
C LEU D 12 9.12 8.08 -36.11
N VAL D 13 10.17 8.40 -36.87
CA VAL D 13 10.20 9.67 -37.60
C VAL D 13 9.22 9.70 -38.76
N SER D 14 8.70 8.54 -39.17
CA SER D 14 7.63 8.51 -40.17
C SER D 14 6.35 9.14 -39.63
N GLU D 15 6.02 8.83 -38.37
CA GLU D 15 4.86 9.40 -37.68
C GLU D 15 5.37 10.08 -36.41
N PRO D 16 5.93 11.28 -36.52
CA PRO D 16 6.45 11.97 -35.33
C PRO D 16 5.38 12.43 -34.36
N SER D 17 4.10 12.32 -34.73
CA SER D 17 3.02 12.77 -33.84
C SER D 17 2.85 11.84 -32.66
N ILE D 18 2.53 10.58 -32.92
CA ILE D 18 2.25 9.62 -31.86
C ILE D 18 3.54 8.95 -31.41
N THR D 19 3.45 8.15 -30.35
CA THR D 19 4.57 7.36 -29.85
C THR D 19 4.25 5.89 -30.05
N HIS D 20 5.08 5.20 -30.82
CA HIS D 20 4.89 3.78 -31.09
C HIS D 20 5.54 2.93 -30.01
N PHE D 21 5.07 1.69 -29.91
CA PHE D 21 5.58 0.73 -28.93
C PHE D 21 6.19 -0.45 -29.64
N LEU D 22 7.38 -0.86 -29.20
CA LEU D 22 8.10 -1.97 -29.78
C LEU D 22 8.16 -3.11 -28.78
N GLN D 23 7.65 -4.27 -29.16
CA GLN D 23 7.65 -5.45 -28.29
C GLN D 23 8.61 -6.48 -28.86
N VAL D 24 9.80 -6.55 -28.27
CA VAL D 24 10.80 -7.54 -28.65
C VAL D 24 10.70 -8.71 -27.69
N SER D 25 10.49 -9.91 -28.23
CA SER D 25 10.38 -11.13 -27.43
C SER D 25 11.31 -12.18 -28.02
N TRP D 26 12.01 -12.90 -27.12
CA TRP D 26 13.00 -13.88 -27.52
C TRP D 26 13.04 -14.99 -26.47
N GLU D 27 13.92 -15.96 -26.71
CA GLU D 27 13.96 -17.14 -25.85
C GLU D 27 14.86 -16.92 -24.65
N LYS D 28 16.15 -17.17 -24.81
CA LYS D 28 17.12 -16.98 -23.75
C LYS D 28 18.21 -15.99 -24.12
N THR D 29 18.66 -16.00 -25.37
CA THR D 29 19.65 -15.07 -25.88
C THR D 29 19.17 -14.49 -27.20
N LEU D 30 19.53 -13.22 -27.46
CA LEU D 30 19.20 -12.61 -28.74
C LEU D 30 19.94 -13.26 -29.90
N LYS D 31 21.01 -14.01 -29.61
CA LYS D 31 21.79 -14.63 -30.67
C LYS D 31 20.99 -15.67 -31.43
N SER D 32 20.07 -16.38 -30.76
CA SER D 32 19.25 -17.39 -31.41
C SER D 32 18.13 -16.80 -32.25
N GLY D 33 17.86 -15.51 -32.14
CA GLY D 33 16.77 -14.87 -32.83
C GLY D 33 15.74 -14.30 -31.88
N PHE D 34 14.88 -13.47 -32.45
CA PHE D 34 13.85 -12.78 -31.67
C PHE D 34 12.68 -12.43 -32.58
N VAL D 35 11.52 -12.22 -31.96
CA VAL D 35 10.31 -11.79 -32.66
C VAL D 35 10.01 -10.36 -32.21
N ILE D 36 10.02 -9.44 -33.18
CA ILE D 36 9.85 -8.02 -32.92
C ILE D 36 8.47 -7.59 -33.39
N THR D 37 7.72 -6.93 -32.51
CA THR D 37 6.35 -6.52 -32.77
C THR D 37 6.22 -5.02 -32.59
N LEU D 38 5.67 -4.34 -33.59
CA LEU D 38 5.46 -2.90 -33.56
C LEU D 38 3.97 -2.61 -33.55
N THR D 39 3.53 -1.76 -32.63
CA THR D 39 2.11 -1.42 -32.53
C THR D 39 1.96 0.08 -32.34
N ASP D 40 0.76 0.58 -32.68
CA ASP D 40 0.46 1.99 -32.53
C ASP D 40 -0.90 2.24 -31.89
N GLY D 41 -1.44 1.29 -31.13
CA GLY D 41 -2.74 1.42 -30.53
C GLY D 41 -3.89 0.99 -31.40
N HIS D 42 -3.69 0.89 -32.71
CA HIS D 42 -4.72 0.42 -33.63
C HIS D 42 -4.25 -0.80 -34.42
N SER D 43 -3.19 -0.66 -35.19
CA SER D 43 -2.64 -1.78 -35.95
C SER D 43 -1.42 -2.35 -35.24
N ALA D 44 -0.93 -3.48 -35.75
CA ALA D 44 0.26 -4.10 -35.21
C ALA D 44 1.03 -4.77 -36.33
N TRP D 45 2.35 -4.72 -36.25
CA TRP D 45 3.25 -5.30 -37.25
C TRP D 45 4.25 -6.20 -36.54
N THR D 46 4.36 -7.43 -37.01
CA THR D 46 5.20 -8.43 -36.37
C THR D 46 6.14 -9.07 -37.37
N GLY D 47 7.40 -9.21 -36.98
CA GLY D 47 8.38 -9.90 -37.80
C GLY D 47 9.23 -10.82 -36.94
N THR D 48 9.74 -11.87 -37.58
CA THR D 48 10.56 -12.88 -36.91
C THR D 48 11.98 -12.78 -37.44
N VAL D 49 12.87 -12.22 -36.64
CA VAL D 49 14.27 -12.08 -37.00
C VAL D 49 14.97 -13.41 -36.66
N SER D 50 15.30 -14.19 -37.69
CA SER D 50 15.94 -15.48 -37.45
C SER D 50 17.39 -15.31 -37.05
N GLU D 51 17.96 -16.39 -36.49
CA GLU D 51 19.37 -16.37 -36.11
C GLU D 51 20.26 -16.16 -37.34
N SER D 52 19.89 -16.77 -38.47
CA SER D 52 20.65 -16.57 -39.70
C SER D 52 20.58 -15.11 -40.15
N LYS D 53 19.43 -14.46 -39.98
CA LYS D 53 19.29 -13.06 -40.39
C LYS D 53 20.25 -12.17 -39.61
N ILE D 54 20.41 -12.44 -38.31
CA ILE D 54 21.34 -11.64 -37.51
C ILE D 54 22.77 -11.84 -38.00
N SER D 55 23.10 -13.05 -38.44
CA SER D 55 24.44 -13.31 -38.95
C SER D 55 24.69 -12.57 -40.25
N GLN D 56 23.69 -12.50 -41.14
CA GLN D 56 23.87 -11.79 -42.40
C GLN D 56 24.00 -10.29 -42.17
N GLU D 57 23.16 -9.72 -41.30
CA GLU D 57 23.24 -8.30 -41.00
C GLU D 57 24.53 -7.95 -40.28
N ALA D 58 25.09 -8.88 -39.51
CA ALA D 58 26.35 -8.64 -38.84
C ALA D 58 27.53 -8.83 -39.78
N ALA D 59 27.39 -9.66 -40.82
CA ALA D 59 28.48 -9.87 -41.76
C ALA D 59 28.55 -8.78 -42.82
N THR D 60 27.41 -8.23 -43.22
CA THR D 60 27.39 -7.19 -44.24
C THR D 60 27.90 -5.85 -43.73
N MET D 61 28.14 -5.72 -42.42
CA MET D 61 28.66 -4.49 -41.84
C MET D 61 30.08 -4.65 -41.32
N ALA D 62 30.73 -5.79 -41.61
CA ALA D 62 32.09 -6.06 -41.16
C ALA D 62 32.22 -5.89 -39.65
N MET D 63 31.15 -6.23 -38.93
CA MET D 63 31.10 -6.07 -37.48
C MET D 63 31.06 -7.44 -36.82
N ASN D 64 31.77 -7.57 -35.70
CA ASN D 64 31.74 -8.79 -34.92
C ASN D 64 30.32 -9.12 -34.49
N LYS D 65 29.92 -10.38 -34.66
CA LYS D 65 28.54 -10.75 -34.36
C LYS D 65 28.18 -10.50 -32.90
N GLY D 66 29.13 -10.75 -31.99
CA GLY D 66 28.89 -10.43 -30.60
C GLY D 66 28.74 -8.94 -30.36
N LYS D 67 29.45 -8.12 -31.14
CA LYS D 67 29.28 -6.68 -31.05
C LYS D 67 27.99 -6.22 -31.72
N TYR D 68 27.59 -6.88 -32.82
CA TYR D 68 26.35 -6.49 -33.50
C TYR D 68 25.14 -6.76 -32.62
N VAL D 69 25.05 -7.95 -32.04
CA VAL D 69 23.94 -8.27 -31.15
C VAL D 69 23.96 -7.37 -29.93
N GLY D 70 25.15 -6.92 -29.52
CA GLY D 70 25.23 -5.92 -28.47
C GLY D 70 24.54 -4.62 -28.85
N GLU D 71 24.62 -4.23 -30.12
CA GLU D 71 23.91 -3.05 -30.58
C GLU D 71 22.41 -3.29 -30.69
N LEU D 72 22.01 -4.50 -31.08
CA LEU D 72 20.58 -4.82 -31.10
C LEU D 72 20.00 -4.78 -29.69
N ARG D 73 20.75 -5.30 -28.71
CA ARG D 73 20.35 -5.18 -27.31
C ARG D 73 20.25 -3.72 -26.90
N LYS D 74 21.16 -2.87 -27.40
CA LYS D 74 21.20 -1.47 -27.00
C LYS D 74 19.98 -0.71 -27.51
N ALA D 75 19.55 -0.97 -28.75
CA ALA D 75 18.52 -0.13 -29.34
C ALA D 75 17.12 -0.63 -28.99
N LEU D 76 16.85 -1.92 -29.24
CA LEU D 76 15.50 -2.46 -29.16
C LEU D 76 15.04 -2.76 -27.74
N LEU D 77 15.95 -2.75 -26.75
CA LEU D 77 15.61 -3.20 -25.41
C LEU D 77 15.80 -2.11 -24.35
N SER D 78 15.91 -0.85 -24.76
CA SER D 78 16.07 0.26 -23.83
C SER D 78 15.30 1.47 -24.34
N GLY D 79 15.24 2.49 -23.48
CA GLY D 79 14.52 3.72 -23.80
C GLY D 79 14.53 4.73 -22.67
N PRO D 82 19.20 10.44 -27.86
CA PRO D 82 18.70 9.38 -28.74
C PRO D 82 19.72 8.96 -29.79
N ALA D 83 20.68 8.12 -29.38
CA ALA D 83 21.75 7.73 -30.29
C ALA D 83 21.21 6.97 -31.50
N ASP D 84 20.11 6.24 -31.33
CA ASP D 84 19.52 5.44 -32.39
C ASP D 84 18.23 6.09 -32.87
N VAL D 85 18.03 6.09 -34.20
CA VAL D 85 16.86 6.69 -34.83
C VAL D 85 16.10 5.61 -35.57
N TYR D 86 14.79 5.51 -35.33
CA TYR D 86 13.95 4.46 -35.88
C TYR D 86 13.04 5.01 -36.96
N THR D 87 12.75 4.18 -37.97
CA THR D 87 11.88 4.54 -39.08
C THR D 87 11.17 3.30 -39.59
N PHE D 88 9.93 3.48 -40.06
CA PHE D 88 9.12 2.37 -40.54
C PHE D 88 8.11 2.89 -41.56
N ASN D 89 7.97 2.19 -42.68
CA ASN D 89 7.13 2.64 -43.79
C ASN D 89 5.83 1.84 -43.84
N PHE D 90 4.74 2.56 -44.07
CA PHE D 90 3.37 2.05 -43.90
C PHE D 90 2.77 1.45 -45.17
N SER D 91 3.43 1.57 -46.32
CA SER D 91 2.82 1.14 -47.57
C SER D 91 2.94 -0.37 -47.75
N LYS D 92 4.08 -0.87 -48.21
CA LYS D 92 4.22 -2.31 -48.26
C LYS D 92 5.66 -2.67 -47.91
N GLU D 93 6.60 -1.83 -48.33
CA GLU D 93 8.00 -2.00 -47.98
C GLU D 93 8.14 -1.95 -46.46
N SER D 94 7.44 -2.85 -45.77
CA SER D 94 7.37 -2.86 -44.32
C SER D 94 8.73 -3.24 -43.74
N ARG D 95 9.61 -2.26 -43.62
CA ARG D 95 10.97 -2.50 -43.16
C ARG D 95 11.22 -1.63 -41.94
N TYR D 96 11.32 -2.27 -40.77
CA TYR D 96 11.66 -1.57 -39.54
C TYR D 96 13.18 -1.44 -39.52
N PHE D 97 13.68 -0.32 -40.01
CA PHE D 97 15.11 -0.06 -40.07
C PHE D 97 15.46 1.12 -39.16
N PHE D 98 16.57 0.98 -38.45
CA PHE D 98 17.01 1.98 -37.49
C PHE D 98 18.48 2.30 -37.72
N PHE D 99 18.78 3.59 -37.88
CA PHE D 99 20.14 4.08 -37.94
C PHE D 99 20.71 4.24 -36.53
N LYS D 100 22.04 4.30 -36.46
CA LYS D 100 22.73 4.70 -35.25
C LYS D 100 23.31 6.10 -35.51
N LYS D 101 22.46 7.12 -35.40
CA LYS D 101 22.94 8.48 -35.67
C LYS D 101 23.98 8.86 -34.61
N ASN D 102 25.25 8.66 -34.96
CA ASN D 102 26.36 9.01 -34.10
C ASN D 102 26.77 10.44 -34.40
N LEU D 103 26.68 11.32 -33.40
CA LEU D 103 26.94 12.75 -33.61
C LEU D 103 28.41 13.00 -33.87
N LYS D 104 29.19 11.92 -34.04
CA LYS D 104 30.59 12.04 -34.39
C LYS D 104 30.76 12.59 -35.81
N ASP D 105 30.00 12.04 -36.76
CA ASP D 105 30.13 12.47 -38.15
C ASP D 105 28.76 12.44 -38.83
N VAL D 106 28.38 11.30 -39.38
CA VAL D 106 27.06 11.10 -39.99
C VAL D 106 26.57 9.71 -39.61
N SER D 107 25.27 9.48 -39.82
CA SER D 107 24.64 8.23 -39.43
C SER D 107 25.10 7.09 -40.35
N PHE D 108 24.67 5.87 -40.00
CA PHE D 108 24.95 4.69 -40.80
C PHE D 108 23.94 3.62 -40.46
N ARG D 109 23.64 2.76 -41.44
CA ARG D 109 22.65 1.72 -41.27
C ARG D 109 23.08 0.72 -40.19
N LEU D 110 22.14 0.36 -39.32
CA LEU D 110 22.41 -0.59 -38.25
C LEU D 110 21.56 -1.85 -38.32
N GLY D 111 20.34 -1.76 -38.84
CA GLY D 111 19.49 -2.94 -38.95
C GLY D 111 18.29 -2.65 -39.80
N SER D 112 17.65 -3.74 -40.26
CA SER D 112 16.46 -3.66 -41.09
C SER D 112 15.77 -5.02 -41.13
N PHE D 113 14.49 -5.04 -40.77
CA PHE D 113 13.72 -6.28 -40.73
C PHE D 113 12.33 -6.03 -41.30
N ASN D 114 11.71 -7.09 -41.80
CA ASN D 114 10.38 -7.03 -42.39
C ASN D 114 9.33 -7.38 -41.33
N LEU D 115 8.39 -6.47 -41.12
CA LEU D 115 7.29 -6.66 -40.17
C LEU D 115 5.98 -6.61 -40.94
N GLU D 116 5.35 -7.77 -41.13
CA GLU D 116 4.07 -7.82 -41.82
C GLU D 116 2.93 -7.40 -40.88
N LYS D 117 1.93 -6.73 -41.45
CA LYS D 117 0.79 -6.27 -40.68
C LYS D 117 -0.08 -7.45 -40.29
N VAL D 118 -0.25 -7.64 -38.97
CA VAL D 118 -1.04 -8.77 -38.48
C VAL D 118 -2.52 -8.49 -38.73
N GLU D 119 -3.30 -9.58 -38.83
CA GLU D 119 -4.72 -9.49 -39.09
C GLU D 119 -5.57 -9.59 -37.82
N ASN D 120 -4.93 -9.64 -36.66
CA ASN D 120 -5.63 -9.64 -35.37
C ASN D 120 -4.93 -8.67 -34.42
N PRO D 121 -4.92 -7.38 -34.74
CA PRO D 121 -4.17 -6.43 -33.89
C PRO D 121 -4.79 -6.27 -32.52
N ALA D 122 -6.09 -6.51 -32.37
CA ALA D 122 -6.72 -6.42 -31.06
C ALA D 122 -6.18 -7.48 -30.11
N GLU D 123 -5.94 -8.69 -30.61
CA GLU D 123 -5.40 -9.75 -29.77
C GLU D 123 -3.96 -9.47 -29.40
N VAL D 124 -3.19 -8.89 -30.33
CA VAL D 124 -1.79 -8.55 -30.04
C VAL D 124 -1.72 -7.48 -28.95
N ILE D 125 -2.58 -6.46 -29.04
CA ILE D 125 -2.56 -5.40 -28.04
C ILE D 125 -3.01 -5.92 -26.68
N ARG D 126 -4.05 -6.76 -26.66
CA ARG D 126 -4.48 -7.33 -25.38
C ARG D 126 -3.40 -8.21 -24.78
N GLU D 127 -2.74 -9.02 -25.61
CA GLU D 127 -1.60 -9.80 -25.12
C GLU D 127 -0.48 -8.89 -24.63
N LEU D 128 -0.27 -7.75 -25.30
CA LEU D 128 0.74 -6.81 -24.85
C LEU D 128 0.35 -6.15 -23.54
N ILE D 129 -0.91 -5.71 -23.44
CA ILE D 129 -1.37 -5.05 -22.22
C ILE D 129 -1.45 -6.06 -21.08
N ASP D 130 -1.97 -7.25 -21.33
CA ASP D 130 -2.09 -8.26 -20.28
C ASP D 130 -0.73 -8.60 -19.69
N TYR D 131 0.29 -8.70 -20.54
CA TYR D 131 1.63 -9.01 -20.05
C TYR D 131 2.17 -7.88 -19.19
N ALA D 132 2.00 -6.64 -19.61
CA ALA D 132 2.55 -5.51 -18.86
C ALA D 132 1.93 -5.43 -17.46
N LEU D 133 0.63 -5.72 -17.35
CA LEU D 133 -0.01 -5.71 -16.04
C LEU D 133 0.51 -6.84 -15.16
N ASP D 134 0.72 -8.03 -15.75
CA ASP D 134 1.18 -9.17 -14.96
C ASP D 134 2.59 -8.95 -14.42
N ARG D 135 3.45 -8.29 -15.20
CA ARG D 135 4.81 -8.05 -14.73
C ARG D 135 4.83 -6.97 -13.65
N ASN D 136 3.87 -6.05 -13.67
CA ASN D 136 3.79 -5.03 -12.62
C ASN D 136 3.37 -5.65 -11.30
N ASN D 137 2.45 -6.63 -11.34
CA ASN D 137 2.08 -7.34 -10.13
C ASN D 137 3.24 -8.14 -9.57
N LEU D 138 4.07 -8.71 -10.45
CA LEU D 138 5.23 -9.46 -9.99
C LEU D 138 6.25 -8.53 -9.35
N LEU D 139 6.44 -7.32 -9.90
CA LEU D 139 7.35 -6.37 -9.29
C LEU D 139 6.78 -5.83 -7.99
N GLN D 140 5.46 -5.64 -7.92
CA GLN D 140 4.85 -5.18 -6.68
C GLN D 140 4.96 -6.23 -5.59
N ALA D 141 4.82 -7.52 -5.96
CA ALA D 141 5.03 -8.59 -4.99
C ALA D 141 6.49 -8.69 -4.58
N GLU D 142 7.42 -8.51 -5.53
CA GLU D 142 8.83 -8.50 -5.20
C GLU D 142 9.18 -7.35 -4.27
N LEU D 143 8.43 -6.23 -4.37
CA LEU D 143 8.65 -5.12 -3.45
C LEU D 143 8.16 -5.45 -2.05
N GLU D 144 6.97 -6.03 -1.94
CA GLU D 144 6.44 -6.38 -0.62
C GLU D 144 7.34 -7.40 0.06
N GLU D 145 7.88 -8.35 -0.70
CA GLU D 145 8.85 -9.30 -0.15
C GLU D 145 10.12 -8.59 0.29
N LEU D 146 10.53 -7.54 -0.42
CA LEU D 146 11.79 -6.87 -0.11
C LEU D 146 11.62 -5.83 0.98
N ARG D 147 10.46 -5.18 1.08
CA ARG D 147 10.24 -4.23 2.17
C ARG D 147 10.21 -4.94 3.52
N ALA D 148 9.91 -6.23 3.55
CA ALA D 148 9.95 -7.00 4.78
C ALA D 148 11.38 -7.39 5.16
N VAL D 149 12.22 -7.67 4.16
CA VAL D 149 13.62 -8.00 4.44
C VAL D 149 14.35 -6.77 4.98
N VAL D 150 14.14 -5.61 4.36
CA VAL D 150 14.82 -4.40 4.79
C VAL D 150 14.32 -3.96 6.16
N GLU D 151 13.07 -4.30 6.50
CA GLU D 151 12.56 -3.98 7.84
C GLU D 151 13.22 -4.84 8.91
N GLN D 152 13.54 -6.09 8.57
CA GLN D 152 14.17 -6.99 9.53
C GLN D 152 15.64 -6.65 9.74
N THR D 153 16.35 -6.33 8.66
CA THR D 153 17.75 -5.97 8.78
C THR D 153 17.94 -4.63 9.47
N GLU D 154 17.00 -3.70 9.29
CA GLU D 154 17.10 -2.40 9.94
C GLU D 154 16.94 -2.52 11.45
N ARG D 155 15.99 -3.33 11.90
CA ARG D 155 15.81 -3.51 13.34
C ARG D 155 16.95 -4.28 13.96
N SER D 156 17.52 -5.25 13.22
CA SER D 156 18.71 -5.94 13.72
C SER D 156 19.93 -5.01 13.71
N ARG D 157 19.98 -4.05 12.78
CA ARG D 157 21.06 -3.08 12.78
C ARG D 157 20.92 -2.13 13.97
N LYS D 158 19.72 -1.55 14.15
CA LYS D 158 19.51 -0.65 15.28
C LYS D 158 19.64 -1.36 16.61
N LEU D 159 19.47 -2.69 16.63
CA LEU D 159 19.72 -3.45 17.85
C LEU D 159 21.19 -3.39 18.24
N ALA D 160 22.08 -3.64 17.27
CA ALA D 160 23.51 -3.53 17.51
C ALA D 160 23.99 -2.08 17.54
N GLU D 161 23.22 -1.15 16.97
CA GLU D 161 23.61 0.25 17.01
C GLU D 161 23.43 0.83 18.40
N GLN D 162 22.29 0.55 19.04
CA GLN D 162 22.08 1.04 20.41
C GLN D 162 23.02 0.35 21.39
N GLU D 163 23.46 -0.86 21.08
CA GLU D 163 24.37 -1.56 21.97
C GLU D 163 25.81 -1.05 21.83
N LEU D 164 26.19 -0.58 20.64
CA LEU D 164 27.50 0.03 20.47
C LEU D 164 27.54 1.41 21.11
N ILE D 165 26.49 2.22 20.92
CA ILE D 165 26.43 3.52 21.56
C ILE D 165 26.37 3.38 23.08
N GLU D 166 25.71 2.32 23.56
CA GLU D 166 25.66 2.07 25.00
C GLU D 166 27.05 1.79 25.56
N THR D 167 27.88 1.09 24.79
CA THR D 167 29.24 0.79 25.24
C THR D 167 30.17 1.97 25.03
N SER D 168 30.04 2.66 23.88
CA SER D 168 30.90 3.82 23.62
C SER D 168 30.61 4.96 24.57
N GLU D 169 29.37 5.06 25.07
CA GLU D 169 29.08 6.02 26.13
C GLU D 169 29.79 5.64 27.42
N ARG D 170 29.89 4.34 27.69
CA ARG D 170 30.49 3.88 28.95
C ARG D 170 31.99 4.09 28.96
N VAL D 171 32.67 3.98 27.80
CA VAL D 171 34.11 4.21 27.79
C VAL D 171 34.41 5.68 27.99
N GLN D 172 33.53 6.57 27.55
CA GLN D 172 33.70 7.99 27.82
C GLN D 172 33.28 8.35 29.23
N LEU D 173 32.50 7.49 29.90
CA LEU D 173 32.15 7.71 31.29
C LEU D 173 33.36 7.52 32.19
N LEU D 174 33.98 6.34 32.12
CA LEU D 174 35.14 6.04 32.94
C LEU D 174 36.45 6.45 32.27
N HIS D 175 36.40 7.34 31.27
CA HIS D 175 37.58 8.03 30.77
C HIS D 175 37.69 9.43 31.34
N SER D 176 36.59 10.19 31.33
CA SER D 176 36.55 11.42 32.10
C SER D 176 36.66 11.13 33.60
N GLN D 177 36.16 9.98 34.04
CA GLN D 177 36.39 9.52 35.40
C GLN D 177 37.83 9.09 35.60
N ASN D 178 38.45 8.51 34.57
CA ASN D 178 39.86 8.13 34.65
C ASN D 178 40.75 9.36 34.77
N THR D 179 40.49 10.38 33.93
CA THR D 179 41.24 11.63 34.04
C THR D 179 40.96 12.32 35.37
N SER D 180 39.77 12.09 35.94
CA SER D 180 39.48 12.64 37.26
C SER D 180 40.35 12.00 38.34
N LEU D 181 40.53 10.68 38.28
CA LEU D 181 41.40 10.02 39.25
C LEU D 181 42.87 10.42 39.04
N ILE D 182 43.25 10.76 37.81
CA ILE D 182 44.61 11.24 37.58
C ILE D 182 44.79 12.61 38.21
N ASN D 183 43.77 13.46 38.15
CA ASN D 183 43.85 14.77 38.77
C ASN D 183 43.90 14.68 40.30
N GLN D 184 43.19 13.70 40.88
CA GLN D 184 43.23 13.55 42.33
C GLN D 184 44.58 13.07 42.81
N LYS D 185 45.15 12.07 42.14
CA LYS D 185 46.47 11.58 42.51
C LYS D 185 47.57 12.60 42.19
N LYS D 186 47.28 13.56 41.32
CA LYS D 186 48.23 14.64 41.05
C LYS D 186 48.26 15.62 42.22
N LYS D 187 47.10 15.91 42.82
CA LYS D 187 47.06 16.79 43.98
C LYS D 187 47.66 16.11 45.21
N MET D 188 47.39 14.81 45.39
CA MET D 188 47.98 14.08 46.49
C MET D 188 49.49 13.96 46.36
N ASP D 189 50.01 14.03 45.13
CA ASP D 189 51.46 14.03 44.95
C ASP D 189 52.06 15.37 45.35
N ALA D 190 51.42 16.48 44.97
CA ALA D 190 51.93 17.79 45.35
C ALA D 190 51.84 18.01 46.85
N ASP D 191 50.71 17.60 47.46
CA ASP D 191 50.58 17.73 48.90
C ASP D 191 51.54 16.82 49.65
N LEU D 192 51.94 15.70 49.04
CA LEU D 192 52.93 14.84 49.66
C LEU D 192 54.29 15.52 49.75
N SER D 193 54.57 16.45 48.84
CA SER D 193 55.82 17.21 48.89
C SER D 193 55.73 18.43 49.78
N GLN D 194 54.56 19.08 49.83
CA GLN D 194 54.39 20.21 50.73
C GLN D 194 54.31 19.76 52.18
N LEU D 195 53.66 18.63 52.43
CA LEU D 195 53.61 18.04 53.76
C LEU D 195 54.90 17.33 54.14
N GLN D 196 55.81 17.13 53.18
CA GLN D 196 57.11 16.54 53.50
C GLN D 196 57.94 17.45 54.40
N THR D 197 57.80 18.77 54.22
CA THR D 197 58.53 19.73 55.04
C THR D 197 58.10 19.66 56.50
#